data_7Z3Y
#
_entry.id   7Z3Y
#
_cell.length_a   80.995
_cell.length_b   81.831
_cell.length_c   168.952
_cell.angle_alpha   90.000
_cell.angle_beta   90.000
_cell.angle_gamma   90.000
#
_symmetry.space_group_name_H-M   'P 21 21 21'
#
loop_
_entity.id
_entity.type
_entity.pdbx_description
1 polymer 'N-glycosylase/DNA lyase'
2 non-polymer 2-[4-(3,5-dimethylpyrazol-1-yl)-2,6-bis(fluoranyl)phenyl]-~{N}-(4,5,6,7-tetrahydro-1,2-benzoxazol-3-yl)ethanamide
3 non-polymer GLYCEROL
4 non-polymer 'NICKEL (II) ION'
5 water water
#
_entity_poly.entity_id   1
_entity_poly.type   'polypeptide(L)'
_entity_poly.pdbx_seq_one_letter_code
;GSHMRHRTLSSSPALWASIPCPRSELRLDLVLASGQSFRWKEQSPAHWSGVLADQVWTLTQTEDQLYCTVYRGDDSQVSR
PTLEELETLHKYFQLDVSLAQLYSHWASVDSHFQRVAQKFQGVRLLRQDPTECLFSFICSSNNNIARITGMVERLCQAFG
PRLIQLDDVTYHGFPNLHALAGPEAETHLRKLGLGYRARYVRASAKAILEEQGGPAWLQQLRVAPYEEAHKALCTLPGVG
AKVADCICLMALDKPQAVPVDVHVWQIAHRDYGWHPKTSQAKGPSPLANKELGNFFRNLWGPYAGWAQAVLFSADLRQ
;
_entity_poly.pdbx_strand_id   AAA,BBB,CCC
#
# COMPACT_ATOMS: atom_id res chain seq x y z
N HIS A 3 5.85 12.45 45.66
CA HIS A 3 6.59 13.66 46.15
C HIS A 3 6.93 14.58 44.96
N MET A 4 7.51 14.01 43.89
CA MET A 4 7.86 14.74 42.63
C MET A 4 7.09 14.12 41.46
N ARG A 5 6.74 14.95 40.47
CA ARG A 5 5.90 14.55 39.30
C ARG A 5 6.60 14.90 37.99
N HIS A 6 6.09 14.35 36.87
CA HIS A 6 6.51 14.70 35.49
C HIS A 6 6.19 16.18 35.23
N ARG A 7 7.18 16.93 34.75
CA ARG A 7 7.04 18.37 34.41
C ARG A 7 6.43 18.49 33.01
N THR A 8 5.48 19.42 32.85
CA THR A 8 5.00 19.93 31.54
C THR A 8 5.61 21.33 31.34
N LEU A 9 5.51 21.87 30.13
CA LEU A 9 6.07 23.20 29.76
C LEU A 9 5.21 24.30 30.40
N SER A 10 3.92 24.02 30.64
CA SER A 10 2.95 24.91 31.32
C SER A 10 3.20 24.91 32.84
N SER A 11 3.42 23.73 33.43
CA SER A 11 3.56 23.51 34.90
C SER A 11 4.64 24.43 35.47
N SER A 12 5.91 24.19 35.12
CA SER A 12 7.10 24.88 35.69
C SER A 12 8.04 25.31 34.56
N PRO A 13 7.71 26.38 33.81
CA PRO A 13 8.53 26.84 32.69
C PRO A 13 9.97 27.25 33.06
N ALA A 14 10.22 27.53 34.34
CA ALA A 14 11.50 28.08 34.86
C ALA A 14 12.57 26.99 35.00
N LEU A 15 12.25 25.73 34.70
CA LEU A 15 13.20 24.58 34.77
C LEU A 15 13.48 24.03 33.37
N TRP A 16 12.99 24.69 32.32
CA TRP A 16 13.18 24.29 30.90
C TRP A 16 14.24 25.18 30.23
N ALA A 17 15.11 24.56 29.42
CA ALA A 17 16.04 25.24 28.48
C ALA A 17 15.67 24.84 27.05
N SER A 18 15.83 25.75 26.09
CA SER A 18 15.49 25.55 24.66
C SER A 18 16.76 25.34 23.84
N ILE A 19 16.65 24.59 22.74
CA ILE A 19 17.71 24.43 21.70
C ILE A 19 17.09 24.84 20.36
N PRO A 20 17.73 25.77 19.60
CA PRO A 20 17.16 26.23 18.34
C PRO A 20 17.18 25.10 17.31
N CYS A 21 16.06 24.35 17.24
CA CYS A 21 15.91 23.11 16.44
C CYS A 21 14.61 23.16 15.64
N PRO A 22 14.67 23.35 14.30
CA PRO A 22 13.48 23.28 13.46
C PRO A 22 12.84 21.88 13.54
N ARG A 23 11.52 21.80 13.39
CA ARG A 23 10.75 20.53 13.49
C ARG A 23 10.97 19.70 12.20
N SER A 24 11.52 20.33 11.16
CA SER A 24 11.99 19.68 9.91
C SER A 24 13.27 18.88 10.18
N GLU A 25 14.07 19.31 11.17
CA GLU A 25 15.36 18.68 11.57
C GLU A 25 15.12 17.53 12.54
N LEU A 26 14.06 17.60 13.36
CA LEU A 26 13.75 16.60 14.41
C LEU A 26 12.25 16.63 14.74
N ARG A 27 11.60 15.45 14.69
CA ARG A 27 10.22 15.22 15.20
C ARG A 27 10.27 14.11 16.25
N LEU A 28 10.15 14.47 17.53
CA LEU A 28 10.25 13.56 18.70
C LEU A 28 9.31 12.37 18.53
N ASP A 29 8.10 12.59 17.98
CA ASP A 29 7.02 11.58 17.90
C ASP A 29 7.32 10.53 16.81
N LEU A 30 8.29 10.78 15.92
CA LEU A 30 8.69 9.85 14.82
C LEU A 30 10.07 9.25 15.11
N VAL A 31 10.68 9.56 16.25
CA VAL A 31 12.08 9.18 16.59
C VAL A 31 12.09 8.31 17.86
N LEU A 32 11.58 8.86 18.96
CA LEU A 32 11.82 8.35 20.34
C LEU A 32 11.16 6.97 20.54
N ALA A 33 10.06 6.69 19.85
CA ALA A 33 9.32 5.40 19.95
C ALA A 33 9.27 4.69 18.59
N SER A 34 10.25 4.95 17.71
CA SER A 34 10.30 4.43 16.31
C SER A 34 11.30 3.28 16.19
N GLY A 35 11.56 2.56 17.29
CA GLY A 35 12.35 1.31 17.30
C GLY A 35 13.84 1.54 17.30
N GLN A 36 14.30 2.69 17.78
CA GLN A 36 15.75 3.02 17.94
C GLN A 36 16.11 2.89 19.42
N SER A 37 15.52 3.75 20.27
CA SER A 37 15.55 3.65 21.74
C SER A 37 14.20 3.08 22.23
N PHE A 38 14.21 2.36 23.35
CA PHE A 38 13.01 1.73 23.97
C PHE A 38 12.82 2.28 25.39
N ARG A 39 13.38 3.46 25.66
CA ARG A 39 13.47 4.06 27.02
C ARG A 39 12.70 5.38 27.10
N TRP A 40 11.99 5.77 26.04
CA TRP A 40 11.18 7.02 25.97
C TRP A 40 9.69 6.67 25.99
N LYS A 41 8.90 7.42 26.78
CA LYS A 41 7.42 7.29 26.86
C LYS A 41 6.80 8.69 26.90
N GLU A 42 5.72 8.89 26.15
CA GLU A 42 4.89 10.12 26.14
C GLU A 42 3.97 10.08 27.36
N GLN A 43 4.51 10.37 28.55
CA GLN A 43 3.82 10.23 29.87
C GLN A 43 2.66 11.23 29.93
N SER A 44 2.89 12.48 29.52
CA SER A 44 1.85 13.50 29.24
C SER A 44 1.91 13.86 27.75
N PRO A 45 0.80 14.39 27.16
CA PRO A 45 0.74 14.65 25.71
C PRO A 45 1.84 15.59 25.22
N ALA A 46 2.54 15.20 24.14
CA ALA A 46 3.64 15.94 23.47
C ALA A 46 4.82 16.15 24.43
N HIS A 47 4.90 15.35 25.50
CA HIS A 47 5.96 15.42 26.54
C HIS A 47 6.56 14.02 26.73
N TRP A 48 7.79 13.83 26.25
CA TRP A 48 8.51 12.52 26.22
C TRP A 48 9.51 12.46 27.38
N SER A 49 9.35 11.48 28.26
CA SER A 49 10.23 11.24 29.42
C SER A 49 11.06 9.97 29.20
N GLY A 50 12.33 10.00 29.62
CA GLY A 50 13.28 8.89 29.44
C GLY A 50 14.57 9.18 30.18
N VAL A 51 15.48 8.19 30.22
CA VAL A 51 16.77 8.28 30.97
C VAL A 51 17.92 8.32 29.96
N LEU A 52 18.88 9.21 30.23
CA LEU A 52 20.12 9.42 29.42
C LEU A 52 21.31 9.54 30.38
N ALA A 53 22.15 8.51 30.45
CA ALA A 53 23.42 8.50 31.20
C ALA A 53 23.20 8.86 32.68
N ASP A 54 22.37 8.09 33.38
CA ASP A 54 22.16 8.21 34.85
C ASP A 54 21.37 9.48 35.20
N GLN A 55 20.71 10.10 34.22
CA GLN A 55 19.82 11.28 34.41
C GLN A 55 18.51 11.04 33.67
N VAL A 56 17.41 11.60 34.17
CA VAL A 56 16.06 11.55 33.50
C VAL A 56 15.82 12.89 32.80
N TRP A 57 15.28 12.84 31.59
CA TRP A 57 14.90 14.04 30.78
C TRP A 57 13.40 13.96 30.46
N THR A 58 12.75 15.11 30.34
CA THR A 58 11.45 15.29 29.63
C THR A 58 11.71 16.27 28.48
N LEU A 59 11.25 15.90 27.28
CA LEU A 59 11.45 16.68 26.03
C LEU A 59 10.09 17.00 25.41
N THR A 60 9.92 18.25 24.97
CA THR A 60 8.78 18.73 24.14
C THR A 60 9.33 19.76 23.15
N GLN A 61 8.58 20.06 22.08
CA GLN A 61 9.06 20.94 20.97
C GLN A 61 7.91 21.78 20.42
N THR A 62 8.24 22.97 19.92
CA THR A 62 7.37 23.83 19.07
C THR A 62 7.61 23.42 17.61
N GLU A 63 7.41 24.35 16.66
CA GLU A 63 7.74 24.15 15.22
C GLU A 63 9.18 24.60 14.95
N ASP A 64 9.78 25.38 15.87
CA ASP A 64 11.13 25.99 15.68
C ASP A 64 12.05 25.74 16.88
N GLN A 65 11.54 25.22 18.01
CA GLN A 65 12.32 25.08 19.26
C GLN A 65 12.15 23.66 19.85
N LEU A 66 13.22 23.12 20.42
CA LEU A 66 13.25 21.87 21.23
C LEU A 66 13.45 22.23 22.70
N TYR A 67 12.43 22.03 23.52
CA TYR A 67 12.41 22.32 24.97
C TYR A 67 12.75 21.04 25.76
N CYS A 68 13.62 21.16 26.76
CA CYS A 68 14.12 20.03 27.58
C CYS A 68 14.29 20.47 29.04
N THR A 69 13.99 19.57 29.98
CA THR A 69 14.16 19.75 31.44
C THR A 69 14.81 18.49 32.02
N VAL A 70 15.71 18.64 33.00
CA VAL A 70 16.50 17.53 33.62
C VAL A 70 15.99 17.28 35.04
N TYR A 71 15.91 16.01 35.43
CA TYR A 71 15.75 15.54 36.83
C TYR A 71 17.06 14.87 37.24
N ARG A 72 17.90 15.59 37.99
CA ARG A 72 19.26 15.11 38.40
C ARG A 72 19.13 14.03 39.48
N GLY A 73 17.91 13.77 39.97
CA GLY A 73 17.55 12.56 40.73
C GLY A 73 18.36 12.41 42.00
N ASP A 74 18.21 13.35 42.94
CA ASP A 74 18.93 13.39 44.24
C ASP A 74 18.32 14.48 45.12
N ASP A 75 18.81 14.62 46.36
CA ASP A 75 18.43 15.71 47.30
C ASP A 75 19.20 16.97 46.92
N SER A 76 18.98 17.48 45.70
CA SER A 76 19.65 18.65 45.11
C SER A 76 18.62 19.71 44.70
N GLN A 77 19.03 20.99 44.66
CA GLN A 77 18.19 22.13 44.26
C GLN A 77 17.83 21.99 42.77
N VAL A 78 16.53 21.95 42.45
CA VAL A 78 16.01 21.85 41.05
C VAL A 78 16.50 23.08 40.28
N SER A 79 17.06 22.86 39.08
CA SER A 79 17.60 23.91 38.17
C SER A 79 17.35 23.52 36.71
N ARG A 80 17.70 24.41 35.79
CA ARG A 80 17.48 24.22 34.32
C ARG A 80 18.65 23.43 33.77
N PRO A 81 18.53 22.82 32.56
CA PRO A 81 19.66 22.13 31.93
C PRO A 81 20.91 23.02 31.84
N THR A 82 22.08 22.46 32.15
CA THR A 82 23.41 23.14 32.11
C THR A 82 23.87 23.24 30.66
N LEU A 83 25.03 23.86 30.41
CA LEU A 83 25.67 23.94 29.08
C LEU A 83 26.10 22.54 28.63
N GLU A 84 26.81 21.83 29.52
CA GLU A 84 27.37 20.46 29.26
C GLU A 84 26.23 19.45 29.05
N GLU A 85 25.14 19.58 29.80
CA GLU A 85 23.95 18.69 29.72
C GLU A 85 23.23 18.92 28.39
N LEU A 86 23.16 20.17 27.92
CA LEU A 86 22.53 20.53 26.62
C LEU A 86 23.39 20.00 25.45
N GLU A 87 24.72 20.01 25.61
CA GLU A 87 25.68 19.46 24.61
C GLU A 87 25.43 17.95 24.45
N THR A 88 25.23 17.25 25.57
CA THR A 88 24.92 15.79 25.63
C THR A 88 23.69 15.50 24.78
N LEU A 89 22.66 16.35 24.86
CA LEU A 89 21.38 16.20 24.12
C LEU A 89 21.60 16.56 22.65
N HIS A 90 22.40 17.58 22.38
CA HIS A 90 22.79 18.02 21.00
C HIS A 90 23.48 16.85 20.27
N LYS A 91 24.41 16.17 20.95
CA LYS A 91 25.17 15.02 20.42
C LYS A 91 24.24 13.80 20.28
N TYR A 92 23.30 13.62 21.21
CA TYR A 92 22.36 12.46 21.25
C TYR A 92 21.44 12.50 20.03
N PHE A 93 21.06 13.69 19.58
CA PHE A 93 20.21 13.91 18.39
C PHE A 93 21.06 14.19 17.15
N GLN A 94 22.39 14.32 17.31
CA GLN A 94 23.38 14.53 16.21
C GLN A 94 22.94 15.72 15.35
N LEU A 95 22.65 16.86 15.99
CA LEU A 95 22.03 18.05 15.35
C LEU A 95 23.07 18.82 14.51
N ASP A 96 24.37 18.57 14.71
CA ASP A 96 25.47 19.14 13.88
C ASP A 96 25.26 18.74 12.42
N VAL A 97 24.84 17.50 12.17
CA VAL A 97 24.54 16.96 10.81
C VAL A 97 23.17 17.50 10.38
N SER A 98 23.11 18.17 9.22
CA SER A 98 21.87 18.68 8.59
C SER A 98 21.08 17.50 8.01
N LEU A 99 19.80 17.38 8.38
CA LEU A 99 18.90 16.30 7.91
C LEU A 99 18.15 16.78 6.65
N ALA A 100 17.89 18.08 6.53
CA ALA A 100 17.24 18.73 5.37
C ALA A 100 18.09 18.51 4.12
N GLN A 101 19.41 18.72 4.23
CA GLN A 101 20.39 18.52 3.13
C GLN A 101 20.47 17.04 2.76
N LEU A 102 20.40 16.15 3.76
CA LEU A 102 20.42 14.66 3.54
C LEU A 102 19.13 14.23 2.84
N TYR A 103 17.98 14.70 3.32
CA TYR A 103 16.64 14.41 2.74
C TYR A 103 16.63 14.73 1.24
N SER A 104 17.10 15.93 0.87
CA SER A 104 17.16 16.41 -0.54
C SER A 104 18.12 15.53 -1.35
N HIS A 105 19.28 15.20 -0.77
CA HIS A 105 20.33 14.36 -1.41
C HIS A 105 19.77 12.96 -1.71
N TRP A 106 19.08 12.33 -0.76
CA TRP A 106 18.44 10.99 -0.92
C TRP A 106 17.32 11.08 -1.97
N ALA A 107 16.53 12.16 -1.93
CA ALA A 107 15.35 12.39 -2.80
C ALA A 107 15.79 12.46 -4.28
N SER A 108 16.97 13.01 -4.56
CA SER A 108 17.48 13.29 -5.93
C SER A 108 17.68 11.99 -6.73
N VAL A 109 17.90 10.86 -6.05
CA VAL A 109 18.21 9.54 -6.69
C VAL A 109 17.11 8.51 -6.39
N ASP A 110 16.09 8.87 -5.61
CA ASP A 110 15.01 7.93 -5.18
C ASP A 110 13.68 8.70 -5.11
N SER A 111 12.76 8.40 -6.04
CA SER A 111 11.42 9.02 -6.15
C SER A 111 10.51 8.51 -5.02
N HIS A 112 10.66 7.23 -4.64
CA HIS A 112 9.87 6.58 -3.57
C HIS A 112 10.11 7.30 -2.23
N PHE A 113 11.38 7.62 -1.92
CA PHE A 113 11.78 8.35 -0.70
C PHE A 113 11.19 9.76 -0.73
N GLN A 114 11.27 10.43 -1.89
CA GLN A 114 10.78 11.82 -2.11
C GLN A 114 9.32 11.93 -1.67
N ARG A 115 8.49 10.93 -2.01
CA ARG A 115 7.03 10.90 -1.70
C ARG A 115 6.82 10.72 -0.19
N VAL A 116 7.46 9.70 0.40
CA VAL A 116 7.35 9.32 1.84
C VAL A 116 7.88 10.47 2.70
N ALA A 117 9.03 11.04 2.32
CA ALA A 117 9.77 12.10 3.05
C ALA A 117 8.87 13.31 3.32
N GLN A 118 7.97 13.65 2.39
CA GLN A 118 7.08 14.84 2.47
C GLN A 118 6.31 14.83 3.80
N LYS A 119 5.60 13.74 4.09
CA LYS A 119 4.77 13.58 5.32
C LYS A 119 5.67 13.37 6.54
N PHE A 120 6.73 12.56 6.40
CA PHE A 120 7.59 12.09 7.51
C PHE A 120 8.93 12.82 7.50
N GLN A 121 8.93 14.06 7.99
CA GLN A 121 10.14 14.92 8.16
C GLN A 121 10.65 14.80 9.59
N GLY A 122 11.92 15.13 9.82
CA GLY A 122 12.56 15.18 11.14
C GLY A 122 12.81 13.80 11.73
N VAL A 123 12.73 12.74 10.92
CA VAL A 123 13.12 11.36 11.33
C VAL A 123 14.65 11.27 11.21
N ARG A 124 15.36 11.42 12.34
CA ARG A 124 16.84 11.35 12.38
C ARG A 124 17.26 10.14 13.22
N LEU A 125 18.56 9.83 13.18
CA LEU A 125 19.19 8.65 13.81
C LEU A 125 19.80 9.10 15.14
N LEU A 126 19.35 8.52 16.27
CA LEU A 126 19.87 8.84 17.62
C LEU A 126 21.27 8.23 17.77
N ARG A 127 22.16 8.91 18.50
CA ARG A 127 23.50 8.41 18.90
C ARG A 127 23.39 7.85 20.33
N GLN A 128 23.28 6.53 20.47
CA GLN A 128 23.01 5.84 21.76
C GLN A 128 24.31 5.31 22.37
N ASP A 129 24.28 5.06 23.68
CA ASP A 129 25.31 4.30 24.44
C ASP A 129 25.40 2.90 23.84
N PRO A 130 26.62 2.41 23.51
CA PRO A 130 26.79 1.06 22.95
C PRO A 130 26.21 -0.10 23.79
N THR A 131 26.44 -0.08 25.11
CA THR A 131 25.99 -1.14 26.05
C THR A 131 24.47 -1.23 26.01
N GLU A 132 23.78 -0.12 26.27
CA GLU A 132 22.30 -0.01 26.23
C GLU A 132 21.79 -0.54 24.88
N CYS A 133 22.36 -0.06 23.79
CA CYS A 133 21.97 -0.43 22.40
C CYS A 133 22.18 -1.93 22.17
N LEU A 134 23.34 -2.46 22.55
CA LEU A 134 23.72 -3.89 22.37
C LEU A 134 22.63 -4.79 22.97
N PHE A 135 22.34 -4.63 24.27
CA PHE A 135 21.45 -5.53 25.03
C PHE A 135 19.98 -5.25 24.69
N SER A 136 19.63 -4.01 24.36
CA SER A 136 18.28 -3.63 23.87
C SER A 136 17.94 -4.43 22.61
N PHE A 137 18.91 -4.64 21.72
CA PHE A 137 18.70 -5.23 20.38
C PHE A 137 18.89 -6.76 20.43
N ILE A 138 19.52 -7.29 21.49
CA ILE A 138 19.52 -8.75 21.79
C ILE A 138 18.10 -9.16 22.23
N CYS A 139 17.37 -8.23 22.88
CA CYS A 139 15.96 -8.42 23.31
C CYS A 139 14.98 -8.25 22.14
N SER A 140 15.44 -7.75 20.99
CA SER A 140 14.58 -7.33 19.84
C SER A 140 14.22 -8.51 18.94
N SER A 141 14.89 -9.66 19.08
CA SER A 141 14.70 -10.87 18.22
C SER A 141 13.29 -11.42 18.40
N ASN A 142 12.57 -11.64 17.29
CA ASN A 142 11.21 -12.23 17.24
C ASN A 142 10.32 -11.57 18.31
N ASN A 143 10.17 -10.24 18.22
CA ASN A 143 9.58 -9.39 19.27
C ASN A 143 8.92 -8.17 18.62
N ASN A 144 8.22 -7.35 19.42
CA ASN A 144 7.61 -6.06 18.99
C ASN A 144 8.09 -4.95 19.93
N ILE A 145 7.93 -3.69 19.52
CA ILE A 145 8.42 -2.48 20.25
C ILE A 145 7.87 -2.48 21.69
N ALA A 146 6.61 -2.89 21.87
CA ALA A 146 5.89 -2.87 23.17
C ALA A 146 6.53 -3.87 24.13
N ARG A 147 6.71 -5.13 23.70
CA ARG A 147 7.28 -6.22 24.52
C ARG A 147 8.78 -5.97 24.77
N ILE A 148 9.48 -5.41 23.79
CA ILE A 148 10.93 -5.03 23.92
C ILE A 148 11.05 -3.96 25.01
N THR A 149 10.21 -2.93 24.94
CA THR A 149 10.16 -1.79 25.90
C THR A 149 9.96 -2.34 27.33
N GLY A 150 9.09 -3.34 27.50
CA GLY A 150 8.80 -3.99 28.79
C GLY A 150 10.01 -4.73 29.34
N MET A 151 10.65 -5.56 28.52
CA MET A 151 11.85 -6.36 28.88
C MET A 151 12.98 -5.43 29.33
N VAL A 152 13.22 -4.35 28.59
CA VAL A 152 14.33 -3.37 28.84
C VAL A 152 14.06 -2.65 30.17
N GLU A 153 12.82 -2.21 30.39
CA GLU A 153 12.39 -1.53 31.65
C GLU A 153 12.61 -2.48 32.83
N ARG A 154 12.05 -3.69 32.76
CA ARG A 154 12.11 -4.72 33.84
C ARG A 154 13.57 -5.06 34.15
N LEU A 155 14.38 -5.30 33.10
CA LEU A 155 15.84 -5.55 33.19
C LEU A 155 16.53 -4.43 33.96
N CYS A 156 16.22 -3.17 33.64
CA CYS A 156 16.85 -1.96 34.23
C CYS A 156 16.44 -1.82 35.71
N GLN A 157 15.18 -2.05 36.05
CA GLN A 157 14.69 -2.02 37.46
C GLN A 157 15.43 -3.09 38.28
N ALA A 158 15.57 -4.30 37.72
CA ALA A 158 16.14 -5.50 38.39
C ALA A 158 17.66 -5.33 38.61
N PHE A 159 18.40 -4.77 37.64
CA PHE A 159 19.89 -4.78 37.61
C PHE A 159 20.49 -3.37 37.69
N GLY A 160 19.77 -2.34 37.22
CA GLY A 160 20.30 -0.97 37.13
C GLY A 160 20.03 -0.16 38.40
N PRO A 161 20.82 0.90 38.69
CA PRO A 161 20.62 1.72 39.88
C PRO A 161 19.40 2.63 39.74
N ARG A 162 18.64 2.82 40.83
CA ARG A 162 17.47 3.74 40.87
C ARG A 162 18.00 5.17 40.72
N LEU A 163 17.30 6.00 39.93
CA LEU A 163 17.67 7.41 39.67
C LEU A 163 16.68 8.33 40.39
N ILE A 164 15.37 8.16 40.12
CA ILE A 164 14.29 9.04 40.63
C ILE A 164 12.93 8.37 40.37
N GLN A 165 11.89 8.81 41.10
CA GLN A 165 10.47 8.46 40.85
C GLN A 165 9.70 9.72 40.46
N LEU A 166 8.97 9.67 39.35
CA LEU A 166 8.06 10.73 38.86
C LEU A 166 6.67 10.11 38.68
N ASP A 167 5.69 10.55 39.50
CA ASP A 167 4.34 9.94 39.59
C ASP A 167 4.50 8.47 39.99
N ASP A 168 3.94 7.53 39.22
CA ASP A 168 3.97 6.07 39.51
C ASP A 168 5.22 5.41 38.88
N VAL A 169 5.88 6.09 37.94
CA VAL A 169 7.00 5.54 37.12
C VAL A 169 8.32 5.73 37.90
N THR A 170 9.02 4.62 38.16
CA THR A 170 10.36 4.60 38.81
C THR A 170 11.43 4.39 37.72
N TYR A 171 12.40 5.30 37.63
CA TYR A 171 13.44 5.35 36.56
C TYR A 171 14.75 4.76 37.09
N HIS A 172 15.32 3.83 36.31
CA HIS A 172 16.62 3.17 36.58
C HIS A 172 17.57 3.41 35.40
N GLY A 173 18.83 3.74 35.68
CA GLY A 173 19.91 3.81 34.68
C GLY A 173 20.20 2.42 34.16
N PHE A 174 20.76 2.31 32.95
CA PHE A 174 21.09 0.99 32.33
C PHE A 174 22.20 0.35 33.15
N PRO A 175 22.13 -0.98 33.42
CA PRO A 175 23.14 -1.65 34.23
C PRO A 175 24.50 -1.78 33.52
N ASN A 176 25.58 -1.85 34.30
CA ASN A 176 26.95 -2.16 33.80
C ASN A 176 27.00 -3.65 33.45
N LEU A 177 28.06 -4.07 32.75
CA LEU A 177 28.22 -5.45 32.21
C LEU A 177 28.32 -6.46 33.36
N HIS A 178 29.07 -6.13 34.42
CA HIS A 178 29.33 -7.01 35.59
C HIS A 178 27.99 -7.41 36.24
N ALA A 179 27.02 -6.49 36.30
CA ALA A 179 25.69 -6.72 36.90
C ALA A 179 24.90 -7.77 36.10
N LEU A 180 25.10 -7.83 34.78
CA LEU A 180 24.36 -8.74 33.86
C LEU A 180 25.10 -10.06 33.67
N ALA A 181 26.35 -10.16 34.13
CA ALA A 181 27.26 -11.31 33.87
C ALA A 181 27.27 -12.29 35.06
N GLY A 182 26.53 -11.99 36.14
CA GLY A 182 26.53 -12.77 37.39
C GLY A 182 25.89 -14.14 37.22
N PRO A 183 26.13 -15.09 38.16
CA PRO A 183 25.67 -16.47 38.02
C PRO A 183 24.15 -16.66 38.05
N GLU A 184 23.41 -15.75 38.68
CA GLU A 184 21.93 -15.82 38.84
C GLU A 184 21.24 -14.98 37.75
N ALA A 185 22.01 -14.25 36.94
CA ALA A 185 21.51 -13.21 35.99
C ALA A 185 20.52 -13.82 35.00
N GLU A 186 20.86 -14.94 34.37
CA GLU A 186 20.01 -15.60 33.34
C GLU A 186 18.69 -16.04 33.98
N THR A 187 18.73 -16.65 35.16
CA THR A 187 17.56 -17.16 35.91
C THR A 187 16.60 -16.00 36.21
N HIS A 188 17.12 -14.87 36.69
CA HIS A 188 16.36 -13.63 37.01
C HIS A 188 15.69 -13.11 35.74
N LEU A 189 16.44 -12.99 34.64
CA LEU A 189 15.98 -12.41 33.35
C LEU A 189 14.86 -13.29 32.75
N ARG A 190 14.91 -14.61 32.97
CA ARG A 190 13.87 -15.55 32.49
C ARG A 190 12.56 -15.31 33.26
N LYS A 191 12.66 -15.02 34.56
CA LYS A 191 11.50 -14.67 35.44
C LYS A 191 10.90 -13.33 35.01
N LEU A 192 11.70 -12.44 34.39
CA LEU A 192 11.27 -11.11 33.90
C LEU A 192 10.72 -11.21 32.47
N GLY A 193 10.70 -12.41 31.89
CA GLY A 193 9.94 -12.73 30.65
C GLY A 193 10.77 -12.64 29.39
N LEU A 194 12.10 -12.52 29.49
CA LEU A 194 13.01 -12.38 28.32
C LEU A 194 13.08 -13.71 27.55
N GLY A 195 12.84 -14.84 28.23
CA GLY A 195 12.88 -16.18 27.64
C GLY A 195 14.29 -16.59 27.29
N TYR A 196 14.49 -17.10 26.07
CA TYR A 196 15.80 -17.56 25.53
C TYR A 196 16.80 -16.39 25.48
N ARG A 197 16.31 -15.17 25.28
CA ARG A 197 17.11 -13.93 25.13
C ARG A 197 17.91 -13.67 26.41
N ALA A 198 17.43 -14.18 27.55
CA ALA A 198 18.10 -14.10 28.87
C ALA A 198 19.50 -14.73 28.82
N ARG A 199 19.65 -15.84 28.10
CA ARG A 199 20.93 -16.57 27.95
C ARG A 199 21.94 -15.69 27.21
N TYR A 200 21.53 -15.09 26.09
CA TYR A 200 22.40 -14.26 25.21
C TYR A 200 22.84 -12.99 25.95
N VAL A 201 21.93 -12.36 26.70
CA VAL A 201 22.20 -11.14 27.51
C VAL A 201 23.36 -11.44 28.47
N ARG A 202 23.21 -12.48 29.29
CA ARG A 202 24.22 -12.89 30.31
C ARG A 202 25.53 -13.27 29.61
N ALA A 203 25.44 -14.18 28.62
CA ALA A 203 26.59 -14.72 27.85
C ALA A 203 27.36 -13.57 27.16
N SER A 204 26.66 -12.61 26.55
CA SER A 204 27.28 -11.46 25.84
C SER A 204 27.94 -10.51 26.84
N ALA A 205 27.32 -10.28 28.00
CA ALA A 205 27.89 -9.49 29.12
C ALA A 205 29.19 -10.16 29.59
N LYS A 206 29.16 -11.48 29.78
CA LYS A 206 30.32 -12.30 30.22
C LYS A 206 31.42 -12.24 29.14
N ALA A 207 31.04 -12.35 27.86
CA ALA A 207 31.95 -12.36 26.70
C ALA A 207 32.72 -11.04 26.57
N ILE A 208 32.02 -9.89 26.65
CA ILE A 208 32.66 -8.55 26.52
C ILE A 208 33.66 -8.35 27.65
N LEU A 209 33.30 -8.72 28.88
CA LEU A 209 34.17 -8.62 30.08
C LEU A 209 35.42 -9.49 29.90
N GLU A 210 35.24 -10.79 29.66
CA GLU A 210 36.31 -11.83 29.71
C GLU A 210 37.08 -11.88 28.39
N GLU A 211 36.38 -11.93 27.25
CA GLU A 211 36.98 -12.18 25.91
C GLU A 211 37.43 -10.88 25.24
N GLN A 212 36.87 -9.72 25.64
CA GLN A 212 37.09 -8.42 24.94
C GLN A 212 37.61 -7.33 25.89
N GLY A 213 37.46 -7.50 27.21
CA GLY A 213 38.09 -6.63 28.23
C GLY A 213 37.24 -5.41 28.57
N GLY A 214 35.93 -5.58 28.73
CA GLY A 214 35.01 -4.55 29.24
C GLY A 214 34.52 -3.59 28.17
N PRO A 215 33.77 -2.52 28.55
CA PRO A 215 33.08 -1.66 27.58
C PRO A 215 33.98 -0.69 26.80
N ALA A 216 35.27 -0.60 27.16
CA ALA A 216 36.30 0.12 26.38
C ALA A 216 36.41 -0.49 24.97
N TRP A 217 36.16 -1.79 24.86
CA TRP A 217 36.11 -2.53 23.57
C TRP A 217 35.07 -1.90 22.64
N LEU A 218 33.87 -1.64 23.14
CA LEU A 218 32.75 -1.04 22.36
C LEU A 218 33.14 0.38 21.91
N GLN A 219 33.88 1.12 22.75
CA GLN A 219 34.41 2.47 22.43
C GLN A 219 35.48 2.35 21.32
N GLN A 220 36.28 1.29 21.32
CA GLN A 220 37.27 1.00 20.25
C GLN A 220 36.54 0.77 18.92
N LEU A 221 35.44 0.01 18.94
CA LEU A 221 34.62 -0.32 17.73
C LEU A 221 34.01 0.96 17.16
N ARG A 222 33.78 1.98 18.01
CA ARG A 222 33.25 3.31 17.60
C ARG A 222 34.22 3.99 16.62
N VAL A 223 35.52 3.87 16.86
CA VAL A 223 36.60 4.53 16.05
C VAL A 223 37.14 3.56 15.00
N ALA A 224 36.78 2.28 15.07
CA ALA A 224 37.18 1.23 14.09
C ALA A 224 36.33 1.35 12.83
N PRO A 225 36.80 0.84 11.67
CA PRO A 225 35.99 0.81 10.45
C PRO A 225 34.72 -0.05 10.62
N TYR A 226 33.64 0.34 9.94
CA TYR A 226 32.31 -0.31 9.97
C TYR A 226 32.46 -1.83 9.83
N GLU A 227 33.24 -2.26 8.84
CA GLU A 227 33.41 -3.68 8.45
C GLU A 227 34.08 -4.44 9.62
N GLU A 228 35.05 -3.83 10.29
CA GLU A 228 35.79 -4.42 11.45
C GLU A 228 34.85 -4.49 12.66
N ALA A 229 34.11 -3.41 12.92
CA ALA A 229 33.13 -3.30 14.03
C ALA A 229 32.06 -4.39 13.90
N HIS A 230 31.53 -4.59 12.69
CA HIS A 230 30.41 -5.54 12.41
C HIS A 230 30.85 -6.97 12.71
N LYS A 231 32.04 -7.36 12.22
CA LYS A 231 32.63 -8.72 12.37
C LYS A 231 32.91 -8.99 13.86
N ALA A 232 33.41 -7.98 14.59
CA ALA A 232 33.74 -8.06 16.03
C ALA A 232 32.45 -8.32 16.83
N LEU A 233 31.37 -7.62 16.50
CA LEU A 233 30.05 -7.73 17.19
C LEU A 233 29.44 -9.12 16.96
N CYS A 234 29.61 -9.69 15.77
CA CYS A 234 28.99 -10.99 15.35
C CYS A 234 29.62 -12.17 16.12
N THR A 235 30.69 -11.94 16.89
CA THR A 235 31.33 -12.96 17.75
C THR A 235 30.56 -13.14 19.06
N LEU A 236 29.66 -12.20 19.40
CA LEU A 236 28.91 -12.20 20.69
C LEU A 236 27.69 -13.12 20.59
N PRO A 237 27.36 -13.89 21.64
CA PRO A 237 26.13 -14.68 21.69
C PRO A 237 24.85 -13.83 21.44
N GLY A 238 24.04 -14.26 20.49
CA GLY A 238 22.74 -13.63 20.16
C GLY A 238 22.89 -12.42 19.26
N VAL A 239 24.12 -12.05 18.88
CA VAL A 239 24.41 -10.92 17.96
C VAL A 239 24.77 -11.49 16.58
N GLY A 240 23.87 -11.33 15.60
CA GLY A 240 24.09 -11.64 14.18
C GLY A 240 24.13 -10.39 13.34
N ALA A 241 24.16 -10.55 12.01
CA ALA A 241 24.29 -9.47 11.00
C ALA A 241 23.30 -8.34 11.29
N LYS A 242 22.02 -8.68 11.52
CA LYS A 242 20.91 -7.71 11.73
C LYS A 242 21.20 -6.86 12.98
N VAL A 243 21.45 -7.50 14.12
CA VAL A 243 21.70 -6.83 15.43
C VAL A 243 23.02 -6.05 15.37
N ALA A 244 24.06 -6.62 14.75
CA ALA A 244 25.39 -5.99 14.60
C ALA A 244 25.25 -4.68 13.80
N ASP A 245 24.48 -4.71 12.72
CA ASP A 245 24.18 -3.53 11.87
C ASP A 245 23.43 -2.48 12.69
N CYS A 246 22.47 -2.91 13.52
CA CYS A 246 21.68 -2.01 14.40
C CYS A 246 22.63 -1.22 15.32
N ILE A 247 23.52 -1.94 16.01
CA ILE A 247 24.48 -1.35 16.99
C ILE A 247 25.43 -0.40 16.24
N CYS A 248 25.95 -0.84 15.07
CA CYS A 248 26.86 -0.06 14.19
C CYS A 248 26.21 1.28 13.82
N LEU A 249 24.95 1.24 13.35
CA LEU A 249 24.19 2.42 12.87
C LEU A 249 23.87 3.36 14.03
N MET A 250 23.47 2.82 15.19
CA MET A 250 22.78 3.58 16.26
C MET A 250 23.72 3.89 17.43
N ALA A 251 24.91 3.29 17.51
CA ALA A 251 25.82 3.43 18.68
C ALA A 251 27.28 3.65 18.28
N LEU A 252 27.76 3.08 17.16
CA LEU A 252 29.22 3.06 16.81
C LEU A 252 29.51 4.01 15.63
N ASP A 253 28.60 4.93 15.32
CA ASP A 253 28.80 6.01 14.32
C ASP A 253 29.18 5.40 12.95
N LYS A 254 28.38 4.44 12.47
CA LYS A 254 28.48 3.87 11.10
C LYS A 254 27.17 4.19 10.37
N PRO A 255 27.03 5.40 9.78
CA PRO A 255 25.78 5.81 9.14
C PRO A 255 25.40 4.99 7.89
N GLN A 256 26.38 4.28 7.31
CA GLN A 256 26.21 3.46 6.08
C GLN A 256 25.65 2.08 6.44
N ALA A 257 25.63 1.71 7.73
CA ALA A 257 25.10 0.41 8.21
C ALA A 257 23.60 0.35 7.95
N VAL A 258 23.14 -0.69 7.25
CA VAL A 258 21.71 -0.93 6.87
C VAL A 258 21.28 -2.27 7.45
N PRO A 259 20.68 -2.31 8.67
CA PRO A 259 20.11 -3.53 9.22
C PRO A 259 19.11 -4.16 8.25
N VAL A 260 19.27 -5.46 7.94
CA VAL A 260 18.39 -6.20 6.98
C VAL A 260 17.82 -7.43 7.69
N ASP A 261 16.49 -7.51 7.78
CA ASP A 261 15.71 -8.69 8.23
C ASP A 261 14.61 -8.93 7.18
N VAL A 262 13.65 -9.84 7.48
CA VAL A 262 12.53 -10.20 6.56
C VAL A 262 11.64 -8.96 6.31
N HIS A 263 11.54 -8.05 7.29
CA HIS A 263 10.68 -6.84 7.24
C HIS A 263 11.29 -5.81 6.28
N VAL A 264 12.62 -5.72 6.21
CA VAL A 264 13.37 -4.82 5.28
C VAL A 264 13.29 -5.42 3.87
N TRP A 265 13.35 -6.75 3.76
CA TRP A 265 13.17 -7.53 2.51
C TRP A 265 11.81 -7.20 1.88
N GLN A 266 10.74 -7.33 2.67
CA GLN A 266 9.33 -7.02 2.29
C GLN A 266 9.29 -5.64 1.63
N ILE A 267 9.80 -4.60 2.31
CA ILE A 267 9.75 -3.18 1.88
C ILE A 267 10.57 -3.01 0.59
N ALA A 268 11.82 -3.49 0.59
CA ALA A 268 12.76 -3.43 -0.55
C ALA A 268 12.09 -4.00 -1.82
N HIS A 269 11.50 -5.19 -1.70
CA HIS A 269 10.81 -5.92 -2.80
C HIS A 269 9.59 -5.12 -3.27
N ARG A 270 8.66 -4.84 -2.35
CA ARG A 270 7.34 -4.22 -2.65
C ARG A 270 7.52 -2.82 -3.24
N ASP A 271 8.41 -2.01 -2.65
CA ASP A 271 8.51 -0.55 -2.91
C ASP A 271 9.60 -0.24 -3.96
N TYR A 272 10.65 -1.07 -4.07
CA TYR A 272 11.80 -0.84 -4.99
C TYR A 272 11.88 -1.89 -6.10
N GLY A 273 11.11 -2.98 -6.00
CA GLY A 273 11.12 -4.09 -6.97
C GLY A 273 12.42 -4.88 -6.91
N TRP A 274 13.13 -4.83 -5.78
CA TRP A 274 14.45 -5.50 -5.61
C TRP A 274 14.26 -7.02 -5.47
N HIS A 275 15.04 -7.79 -6.24
CA HIS A 275 15.17 -9.26 -6.12
C HIS A 275 16.66 -9.59 -5.97
N PRO A 276 17.01 -10.70 -5.27
CA PRO A 276 18.40 -11.12 -5.17
C PRO A 276 18.97 -11.57 -6.52
N LYS A 277 20.00 -10.88 -7.01
CA LYS A 277 20.69 -11.16 -8.29
C LYS A 277 21.81 -12.18 -8.07
N GLN A 280 20.33 -16.25 -6.41
CA GLN A 280 19.95 -17.69 -6.37
C GLN A 280 18.88 -17.91 -5.31
N ALA A 281 19.15 -17.50 -4.06
CA ALA A 281 18.25 -17.60 -2.89
C ALA A 281 17.00 -16.75 -3.13
N LYS A 282 15.90 -17.37 -3.56
CA LYS A 282 14.61 -16.70 -3.85
C LYS A 282 14.13 -15.91 -2.62
N GLY A 283 14.27 -16.51 -1.43
CA GLY A 283 13.93 -15.88 -0.13
C GLY A 283 15.18 -15.38 0.59
N PRO A 284 15.04 -14.84 1.83
CA PRO A 284 16.18 -14.32 2.59
C PRO A 284 17.27 -15.37 2.86
N SER A 285 18.52 -14.91 2.91
CA SER A 285 19.74 -15.69 3.25
C SER A 285 20.84 -14.73 3.72
N PRO A 286 21.87 -15.20 4.46
CA PRO A 286 22.97 -14.33 4.86
C PRO A 286 23.60 -13.54 3.69
N LEU A 287 23.79 -14.21 2.55
CA LEU A 287 24.41 -13.64 1.32
C LEU A 287 23.45 -12.62 0.68
N ALA A 288 22.18 -12.98 0.54
CA ALA A 288 21.13 -12.15 -0.10
C ALA A 288 20.85 -10.90 0.77
N ASN A 289 20.84 -11.07 2.10
CA ASN A 289 20.69 -9.95 3.09
C ASN A 289 21.84 -8.97 2.93
N LYS A 290 23.06 -9.49 2.77
CA LYS A 290 24.31 -8.70 2.57
C LYS A 290 24.22 -7.92 1.25
N GLU A 291 23.67 -8.55 0.21
CA GLU A 291 23.47 -7.94 -1.15
C GLU A 291 22.47 -6.78 -1.03
N LEU A 292 21.40 -6.94 -0.25
CA LEU A 292 20.33 -5.92 -0.09
C LEU A 292 20.90 -4.68 0.60
N GLY A 293 21.72 -4.87 1.64
CA GLY A 293 22.41 -3.78 2.35
C GLY A 293 23.31 -2.98 1.42
N ASN A 294 24.03 -3.67 0.53
CA ASN A 294 24.92 -3.07 -0.48
C ASN A 294 24.10 -2.25 -1.48
N PHE A 295 22.97 -2.81 -1.94
CA PHE A 295 22.02 -2.16 -2.88
C PHE A 295 21.62 -0.77 -2.37
N PHE A 296 21.29 -0.66 -1.08
CA PHE A 296 20.80 0.59 -0.45
C PHE A 296 21.95 1.57 -0.24
N ARG A 297 23.15 1.07 0.08
CA ARG A 297 24.39 1.88 0.23
C ARG A 297 24.76 2.49 -1.13
N ASN A 298 24.67 1.70 -2.20
CA ASN A 298 24.93 2.13 -3.59
C ASN A 298 23.94 3.23 -3.98
N LEU A 299 22.68 3.11 -3.54
CA LEU A 299 21.55 4.00 -3.92
C LEU A 299 21.63 5.32 -3.14
N TRP A 300 21.74 5.25 -1.80
CA TRP A 300 21.60 6.40 -0.88
C TRP A 300 22.97 6.99 -0.51
N GLY A 301 24.04 6.18 -0.55
CA GLY A 301 25.41 6.63 -0.23
C GLY A 301 25.79 6.35 1.22
N PRO A 302 26.72 7.13 1.80
CA PRO A 302 27.32 6.80 3.09
C PRO A 302 26.44 7.03 4.34
N TYR A 303 25.24 7.59 4.17
CA TYR A 303 24.22 7.77 5.24
C TYR A 303 22.98 6.93 4.91
N ALA A 304 23.17 5.73 4.34
CA ALA A 304 22.08 4.81 3.91
C ALA A 304 21.26 4.35 5.11
N GLY A 305 21.89 4.18 6.28
CA GLY A 305 21.22 3.79 7.54
C GLY A 305 20.22 4.84 8.01
N TRP A 306 20.54 6.13 7.83
CA TRP A 306 19.68 7.28 8.22
C TRP A 306 18.46 7.33 7.30
N ALA A 307 18.66 7.06 6.00
CA ALA A 307 17.60 6.99 4.97
C ALA A 307 16.64 5.84 5.29
N GLN A 308 17.18 4.70 5.75
CA GLN A 308 16.39 3.50 6.11
C GLN A 308 15.49 3.83 7.31
N ALA A 309 16.01 4.60 8.27
CA ALA A 309 15.28 5.04 9.49
C ALA A 309 14.01 5.80 9.09
N VAL A 310 14.11 6.68 8.08
CA VAL A 310 12.98 7.50 7.56
C VAL A 310 11.88 6.55 7.07
N LEU A 311 12.23 5.57 6.23
CA LEU A 311 11.29 4.58 5.65
C LEU A 311 10.72 3.68 6.74
N PHE A 312 11.60 3.15 7.61
CA PHE A 312 11.24 2.22 8.72
C PHE A 312 10.21 2.90 9.63
N SER A 313 10.48 4.14 10.02
CA SER A 313 9.59 5.00 10.86
C SER A 313 8.26 5.24 10.13
N ALA A 314 8.31 5.59 8.84
CA ALA A 314 7.12 5.84 7.99
C ALA A 314 6.27 4.57 7.87
N ASP A 315 6.90 3.39 7.91
CA ASP A 315 6.23 2.07 7.78
C ASP A 315 5.47 1.74 9.08
N LEU A 316 6.01 2.12 10.24
CA LEU A 316 5.40 1.89 11.58
C LEU A 316 4.09 2.69 11.70
N ARG A 317 4.07 3.92 11.16
CA ARG A 317 2.91 4.85 11.22
C ARG A 317 2.00 4.60 10.01
N HIS B 3 -1.38 47.45 -17.09
CA HIS B 3 -1.75 46.20 -17.82
C HIS B 3 -3.06 45.63 -17.28
N MET B 4 -3.60 44.59 -17.94
CA MET B 4 -4.84 43.87 -17.56
C MET B 4 -4.52 42.90 -16.40
N ARG B 5 -5.55 42.49 -15.65
CA ARG B 5 -5.42 41.62 -14.45
C ARG B 5 -5.95 40.21 -14.76
N HIS B 6 -5.61 39.24 -13.91
CA HIS B 6 -6.08 37.82 -13.98
C HIS B 6 -7.59 37.79 -13.69
N ARG B 7 -8.39 37.40 -14.70
CA ARG B 7 -9.86 37.42 -14.65
C ARG B 7 -10.36 36.34 -13.69
N THR B 8 -11.61 36.49 -13.23
CA THR B 8 -12.40 35.47 -12.49
C THR B 8 -13.82 35.46 -13.08
N LEU B 9 -14.56 34.36 -12.92
CA LEU B 9 -15.93 34.20 -13.49
C LEU B 9 -16.93 35.07 -12.74
N SER B 10 -16.57 35.53 -11.53
CA SER B 10 -17.38 36.47 -10.69
C SER B 10 -16.88 37.91 -10.88
N SER B 11 -15.60 38.10 -11.24
CA SER B 11 -14.96 39.41 -11.48
C SER B 11 -15.45 40.01 -12.80
N SER B 12 -15.36 39.25 -13.90
CA SER B 12 -15.75 39.66 -15.28
C SER B 12 -16.65 38.60 -15.90
N PRO B 13 -17.83 38.31 -15.31
CA PRO B 13 -18.70 37.21 -15.77
C PRO B 13 -19.08 37.27 -17.27
N ALA B 14 -19.15 38.48 -17.83
CA ALA B 14 -19.54 38.72 -19.25
C ALA B 14 -18.47 38.20 -20.21
N LEU B 15 -17.19 38.28 -19.82
CA LEU B 15 -16.02 38.01 -20.72
C LEU B 15 -15.70 36.50 -20.79
N TRP B 16 -16.51 35.65 -20.14
CA TRP B 16 -16.28 34.17 -20.08
C TRP B 16 -17.36 33.45 -20.89
N ALA B 17 -16.95 32.45 -21.69
CA ALA B 17 -17.83 31.47 -22.37
C ALA B 17 -17.82 30.16 -21.56
N SER B 18 -18.63 29.18 -21.97
CA SER B 18 -18.78 27.87 -21.29
C SER B 18 -18.95 26.75 -22.31
N ILE B 19 -18.47 25.54 -21.96
CA ILE B 19 -18.50 24.31 -22.82
C ILE B 19 -19.26 23.22 -22.07
N PRO B 20 -20.27 22.57 -22.70
CA PRO B 20 -21.01 21.49 -22.04
C PRO B 20 -20.13 20.24 -21.86
N CYS B 21 -19.65 20.04 -20.63
CA CYS B 21 -18.66 18.98 -20.27
C CYS B 21 -18.83 18.61 -18.78
N PRO B 22 -19.33 17.40 -18.46
CA PRO B 22 -19.44 16.97 -17.06
C PRO B 22 -18.04 16.74 -16.47
N ARG B 23 -17.87 17.00 -15.17
CA ARG B 23 -16.57 16.89 -14.45
C ARG B 23 -16.13 15.42 -14.40
N SER B 24 -17.05 14.48 -14.71
CA SER B 24 -16.76 13.03 -14.87
C SER B 24 -15.85 12.80 -16.09
N GLU B 25 -15.83 13.73 -17.04
CA GLU B 25 -15.09 13.63 -18.33
C GLU B 25 -13.80 14.46 -18.29
N LEU B 26 -13.72 15.50 -17.44
CA LEU B 26 -12.53 16.37 -17.30
C LEU B 26 -12.48 17.00 -15.90
N ARG B 27 -11.39 16.73 -15.16
CA ARG B 27 -11.03 17.40 -13.88
C ARG B 27 -9.75 18.21 -14.11
N LEU B 28 -9.86 19.54 -14.18
CA LEU B 28 -8.75 20.46 -14.56
C LEU B 28 -7.56 20.30 -13.61
N ASP B 29 -7.84 20.08 -12.32
CA ASP B 29 -6.81 19.98 -11.24
C ASP B 29 -6.02 18.67 -11.37
N LEU B 30 -6.60 17.64 -12.00
CA LEU B 30 -5.97 16.29 -12.15
C LEU B 30 -5.34 16.13 -13.54
N VAL B 31 -5.36 17.17 -14.37
CA VAL B 31 -4.95 17.09 -15.81
C VAL B 31 -3.89 18.16 -16.14
N LEU B 32 -4.12 19.42 -15.73
CA LEU B 32 -3.31 20.59 -16.14
C LEU B 32 -2.02 20.68 -15.31
N ALA B 33 -1.94 20.00 -14.17
CA ALA B 33 -0.78 20.02 -13.25
C ALA B 33 -0.35 18.59 -12.88
N SER B 34 -0.70 17.60 -13.70
CA SER B 34 -0.44 16.15 -13.46
C SER B 34 0.75 15.65 -14.28
N GLY B 35 1.45 16.55 -14.99
CA GLY B 35 2.72 16.27 -15.68
C GLY B 35 2.57 16.00 -17.16
N GLN B 36 1.52 16.52 -17.81
CA GLN B 36 1.32 16.47 -19.28
C GLN B 36 1.83 17.79 -19.88
N SER B 37 1.19 18.91 -19.51
CA SER B 37 1.59 20.29 -19.88
C SER B 37 2.20 20.97 -18.65
N PHE B 38 3.21 21.82 -18.87
CA PHE B 38 3.94 22.55 -17.80
C PHE B 38 3.80 24.06 -18.03
N ARG B 39 2.67 24.50 -18.59
CA ARG B 39 2.37 25.92 -18.93
C ARG B 39 0.98 26.30 -18.42
N TRP B 40 0.55 25.71 -17.29
CA TRP B 40 -0.77 25.97 -16.65
C TRP B 40 -0.58 26.08 -15.13
N LYS B 41 -1.13 27.14 -14.52
CA LYS B 41 -1.01 27.42 -13.06
C LYS B 41 -2.36 27.87 -12.50
N GLU B 42 -2.70 27.43 -11.28
CA GLU B 42 -3.91 27.84 -10.52
C GLU B 42 -3.63 29.19 -9.86
N GLN B 43 -3.70 30.28 -10.65
CA GLN B 43 -3.34 31.66 -10.23
C GLN B 43 -4.19 32.04 -9.00
N SER B 44 -5.50 31.87 -9.10
CA SER B 44 -6.48 31.99 -7.99
C SER B 44 -7.31 30.71 -7.91
N PRO B 45 -7.83 30.34 -6.72
CA PRO B 45 -8.58 29.09 -6.55
C PRO B 45 -9.55 28.76 -7.70
N ALA B 46 -9.39 27.58 -8.31
CA ALA B 46 -10.26 26.98 -9.33
C ALA B 46 -10.19 27.78 -10.66
N HIS B 47 -9.09 28.52 -10.88
CA HIS B 47 -8.88 29.36 -12.09
C HIS B 47 -7.50 29.09 -12.68
N TRP B 48 -7.42 28.13 -13.62
CA TRP B 48 -6.16 27.68 -14.29
C TRP B 48 -5.89 28.54 -15.52
N SER B 49 -4.78 29.28 -15.52
CA SER B 49 -4.35 30.19 -16.62
C SER B 49 -3.10 29.61 -17.29
N GLY B 50 -3.06 29.65 -18.62
CA GLY B 50 -1.94 29.10 -19.43
C GLY B 50 -1.93 29.63 -20.85
N VAL B 51 -0.93 29.21 -21.64
CA VAL B 51 -0.71 29.64 -23.05
C VAL B 51 -1.11 28.50 -23.99
N LEU B 52 -1.65 28.83 -25.17
CA LEU B 52 -2.04 27.88 -26.23
C LEU B 52 -1.91 28.56 -27.60
N ALA B 53 -0.92 28.14 -28.40
CA ALA B 53 -0.70 28.56 -29.81
C ALA B 53 -0.68 30.09 -29.91
N ASP B 54 0.19 30.75 -29.13
CA ASP B 54 0.43 32.21 -29.14
C ASP B 54 -0.83 32.96 -28.68
N GLN B 55 -1.53 32.43 -27.68
CA GLN B 55 -2.71 33.07 -27.02
C GLN B 55 -2.79 32.58 -25.57
N VAL B 56 -3.18 33.46 -24.63
CA VAL B 56 -3.30 33.15 -23.18
C VAL B 56 -4.77 32.86 -22.85
N TRP B 57 -5.00 31.91 -21.95
CA TRP B 57 -6.34 31.40 -21.53
C TRP B 57 -6.46 31.43 -20.00
N THR B 58 -7.69 31.34 -19.49
CA THR B 58 -8.02 31.03 -18.08
C THR B 58 -9.29 30.16 -18.06
N LEU B 59 -9.27 29.08 -17.27
CA LEU B 59 -10.32 28.03 -17.27
C LEU B 59 -10.79 27.76 -15.82
N THR B 60 -12.10 27.58 -15.64
CA THR B 60 -12.73 26.97 -14.43
C THR B 60 -13.82 26.00 -14.90
N GLN B 61 -14.32 25.15 -14.00
CA GLN B 61 -15.31 24.08 -14.33
C GLN B 61 -16.41 24.04 -13.27
N THR B 62 -17.65 23.79 -13.71
CA THR B 62 -18.85 23.52 -12.86
C THR B 62 -19.25 22.06 -13.04
N GLU B 63 -20.22 21.58 -12.25
CA GLU B 63 -20.70 20.18 -12.22
C GLU B 63 -20.97 19.66 -13.65
N ASP B 64 -21.59 20.48 -14.50
CA ASP B 64 -22.10 20.07 -15.84
C ASP B 64 -21.39 20.82 -16.98
N GLN B 65 -20.64 21.89 -16.70
CA GLN B 65 -20.06 22.78 -17.75
C GLN B 65 -18.62 23.18 -17.42
N LEU B 66 -17.85 23.51 -18.47
CA LEU B 66 -16.43 23.95 -18.42
C LEU B 66 -16.35 25.42 -18.85
N TYR B 67 -16.13 26.33 -17.89
CA TYR B 67 -16.03 27.80 -18.11
C TYR B 67 -14.62 28.14 -18.60
N CYS B 68 -14.51 29.07 -19.56
N CYS B 68 -14.51 29.06 -19.56
CA CYS B 68 -13.24 29.48 -20.20
CA CYS B 68 -13.23 29.49 -20.19
C CYS B 68 -13.30 30.96 -20.58
C CYS B 68 -13.30 30.96 -20.58
N THR B 69 -12.14 31.62 -20.67
CA THR B 69 -11.98 33.06 -21.04
C THR B 69 -10.62 33.25 -21.71
N VAL B 70 -10.58 33.93 -22.87
CA VAL B 70 -9.37 34.12 -23.70
C VAL B 70 -8.82 35.55 -23.49
N TYR B 71 -7.50 35.71 -23.62
CA TYR B 71 -6.77 37.01 -23.59
C TYR B 71 -6.07 37.21 -24.93
N ARG B 72 -6.43 38.28 -25.65
CA ARG B 72 -6.02 38.54 -27.06
C ARG B 72 -5.01 39.70 -27.07
N VAL B 78 -11.46 43.41 -26.95
CA VAL B 78 -11.51 42.69 -25.65
C VAL B 78 -12.86 41.96 -25.55
N SER B 79 -13.05 40.93 -26.37
CA SER B 79 -14.28 40.09 -26.46
C SER B 79 -14.06 38.77 -25.71
N ARG B 80 -15.14 38.02 -25.46
CA ARG B 80 -15.09 36.65 -24.86
C ARG B 80 -14.66 35.67 -25.94
N PRO B 81 -14.30 34.41 -25.59
CA PRO B 81 -13.81 33.44 -26.58
C PRO B 81 -14.72 33.29 -27.81
N THR B 82 -14.10 33.08 -28.99
CA THR B 82 -14.80 32.82 -30.28
C THR B 82 -15.17 31.34 -30.36
N LEU B 83 -16.03 30.98 -31.32
CA LEU B 83 -16.38 29.58 -31.67
C LEU B 83 -15.10 28.81 -32.03
N GLU B 84 -14.28 29.38 -32.92
CA GLU B 84 -13.01 28.76 -33.41
C GLU B 84 -12.08 28.48 -32.23
N GLU B 85 -11.94 29.45 -31.32
CA GLU B 85 -11.10 29.35 -30.10
C GLU B 85 -11.72 28.35 -29.12
N LEU B 86 -13.05 28.31 -29.01
CA LEU B 86 -13.80 27.31 -28.21
C LEU B 86 -13.63 25.91 -28.83
N GLU B 87 -13.53 25.85 -30.17
CA GLU B 87 -13.28 24.60 -30.93
C GLU B 87 -11.86 24.11 -30.64
N THR B 88 -10.88 25.02 -30.61
CA THR B 88 -9.45 24.76 -30.31
C THR B 88 -9.33 24.10 -28.92
N LEU B 89 -10.04 24.65 -27.93
CA LEU B 89 -9.99 24.18 -26.51
C LEU B 89 -10.66 22.81 -26.39
N HIS B 90 -11.72 22.57 -27.18
CA HIS B 90 -12.43 21.26 -27.26
C HIS B 90 -11.49 20.19 -27.81
N LYS B 91 -10.75 20.51 -28.88
CA LYS B 91 -9.78 19.61 -29.57
C LYS B 91 -8.61 19.29 -28.62
N TYR B 92 -8.17 20.28 -27.84
CA TYR B 92 -7.03 20.20 -26.88
C TYR B 92 -7.34 19.14 -25.80
N PHE B 93 -8.58 19.10 -25.32
CA PHE B 93 -9.05 18.18 -24.25
C PHE B 93 -9.64 16.90 -24.85
N GLN B 94 -9.61 16.75 -26.18
CA GLN B 94 -10.06 15.54 -26.91
C GLN B 94 -11.40 15.06 -26.33
N LEU B 95 -12.43 15.91 -26.38
CA LEU B 95 -13.75 15.67 -25.75
C LEU B 95 -14.62 14.76 -26.63
N ASP B 96 -14.22 14.54 -27.90
CA ASP B 96 -14.83 13.52 -28.79
C ASP B 96 -14.77 12.16 -28.10
N VAL B 97 -13.61 11.81 -27.54
CA VAL B 97 -13.34 10.52 -26.85
C VAL B 97 -14.16 10.47 -25.55
N SER B 98 -15.04 9.46 -25.42
CA SER B 98 -15.87 9.21 -24.21
C SER B 98 -15.00 8.53 -23.14
N LEU B 99 -14.76 9.21 -22.03
CA LEU B 99 -13.91 8.73 -20.90
C LEU B 99 -14.71 7.70 -20.08
N ALA B 100 -16.03 7.83 -20.02
CA ALA B 100 -16.96 6.93 -19.30
C ALA B 100 -16.86 5.51 -19.87
N GLN B 101 -16.79 5.38 -21.20
CA GLN B 101 -16.69 4.09 -21.92
C GLN B 101 -15.31 3.45 -21.67
N LEU B 102 -14.25 4.26 -21.70
CA LEU B 102 -12.85 3.79 -21.49
C LEU B 102 -12.69 3.27 -20.06
N TYR B 103 -13.14 4.04 -19.06
CA TYR B 103 -13.11 3.69 -17.62
C TYR B 103 -13.84 2.36 -17.40
N SER B 104 -14.96 2.16 -18.10
CA SER B 104 -15.81 0.94 -18.01
C SER B 104 -15.04 -0.28 -18.55
N HIS B 105 -14.38 -0.13 -19.70
CA HIS B 105 -13.58 -1.21 -20.37
C HIS B 105 -12.38 -1.58 -19.49
N TRP B 106 -11.62 -0.59 -19.03
CA TRP B 106 -10.40 -0.79 -18.20
C TRP B 106 -10.78 -1.49 -16.89
N ALA B 107 -11.87 -1.05 -16.25
CA ALA B 107 -12.37 -1.57 -14.95
C ALA B 107 -12.76 -3.05 -15.08
N SER B 108 -13.28 -3.46 -16.25
CA SER B 108 -13.80 -4.83 -16.51
C SER B 108 -12.65 -5.82 -16.77
N VAL B 109 -11.52 -5.34 -17.33
CA VAL B 109 -10.35 -6.19 -17.72
C VAL B 109 -9.25 -6.10 -16.64
N ASP B 110 -9.43 -5.26 -15.62
CA ASP B 110 -8.40 -4.98 -14.58
C ASP B 110 -9.09 -4.68 -13.25
N SER B 111 -8.91 -5.55 -12.26
CA SER B 111 -9.48 -5.46 -10.89
C SER B 111 -8.82 -4.30 -10.12
N HIS B 112 -7.51 -4.10 -10.30
CA HIS B 112 -6.71 -3.04 -9.62
C HIS B 112 -7.24 -1.66 -10.03
N PHE B 113 -7.54 -1.48 -11.32
CA PHE B 113 -8.04 -0.21 -11.91
C PHE B 113 -9.40 0.14 -11.31
N GLN B 114 -10.26 -0.86 -11.11
CA GLN B 114 -11.64 -0.70 -10.56
C GLN B 114 -11.58 -0.03 -9.18
N ARG B 115 -10.63 -0.43 -8.32
CA ARG B 115 -10.45 0.12 -6.95
C ARG B 115 -10.01 1.58 -7.02
N VAL B 116 -9.00 1.87 -7.85
CA VAL B 116 -8.29 3.19 -7.89
C VAL B 116 -9.12 4.22 -8.68
N ALA B 117 -9.64 3.82 -9.85
CA ALA B 117 -10.33 4.71 -10.82
C ALA B 117 -11.55 5.38 -10.20
N GLN B 118 -12.26 4.69 -9.31
CA GLN B 118 -13.53 5.14 -8.66
C GLN B 118 -13.32 6.53 -8.04
N LYS B 119 -12.18 6.76 -7.39
CA LYS B 119 -11.88 8.01 -6.62
C LYS B 119 -10.98 8.95 -7.44
N PHE B 120 -10.84 8.71 -8.75
CA PHE B 120 -10.03 9.55 -9.68
C PHE B 120 -10.69 9.56 -11.06
N GLN B 121 -11.79 10.29 -11.19
CA GLN B 121 -12.59 10.45 -12.44
C GLN B 121 -12.02 11.62 -13.25
N GLY B 122 -12.45 11.76 -14.51
CA GLY B 122 -12.16 12.92 -15.38
C GLY B 122 -10.68 13.12 -15.63
N VAL B 123 -9.90 12.04 -15.69
CA VAL B 123 -8.44 12.07 -16.02
C VAL B 123 -8.28 11.67 -17.49
N ARG B 124 -7.96 12.64 -18.35
CA ARG B 124 -7.82 12.45 -19.82
C ARG B 124 -6.48 13.01 -20.29
N LEU B 125 -6.08 12.66 -21.51
CA LEU B 125 -4.83 13.15 -22.15
C LEU B 125 -5.12 14.44 -22.92
N LEU B 126 -4.18 15.39 -22.88
CA LEU B 126 -4.21 16.63 -23.70
C LEU B 126 -3.59 16.31 -25.05
N ARG B 127 -4.08 16.96 -26.12
CA ARG B 127 -3.51 16.88 -27.49
C ARG B 127 -2.64 18.13 -27.71
N GLN B 128 -1.34 18.01 -27.45
CA GLN B 128 -0.39 19.16 -27.37
C GLN B 128 0.28 19.36 -28.73
N ASP B 129 0.84 20.55 -28.94
CA ASP B 129 1.71 20.87 -30.11
C ASP B 129 2.94 19.98 -30.04
N PRO B 130 3.27 19.21 -31.11
CA PRO B 130 4.47 18.39 -31.13
C PRO B 130 5.72 19.13 -30.65
N THR B 131 6.02 20.30 -31.24
CA THR B 131 7.20 21.15 -30.93
C THR B 131 7.26 21.40 -29.42
N GLU B 132 6.20 21.99 -28.85
CA GLU B 132 6.10 22.30 -27.40
C GLU B 132 6.38 21.03 -26.59
N CYS B 133 5.74 19.91 -26.96
CA CYS B 133 5.79 18.61 -26.26
C CYS B 133 7.22 18.05 -26.28
N LEU B 134 7.84 18.02 -27.47
CA LEU B 134 9.21 17.48 -27.71
C LEU B 134 10.21 18.16 -26.77
N PHE B 135 10.38 19.47 -26.90
CA PHE B 135 11.43 20.27 -26.19
C PHE B 135 11.07 20.42 -24.70
N SER B 136 9.79 20.27 -24.34
CA SER B 136 9.32 20.27 -22.93
C SER B 136 9.83 19.01 -22.22
N PHE B 137 9.70 17.85 -22.85
CA PHE B 137 9.98 16.51 -22.24
C PHE B 137 11.46 16.14 -22.40
N ILE B 138 12.22 16.91 -23.20
CA ILE B 138 13.71 16.86 -23.21
C ILE B 138 14.23 17.40 -21.87
N CYS B 139 13.45 18.29 -21.22
CA CYS B 139 13.76 18.89 -19.91
C CYS B 139 13.14 18.08 -18.76
N SER B 140 12.71 16.84 -19.03
CA SER B 140 11.95 15.98 -18.07
C SER B 140 12.90 15.04 -17.30
N SER B 141 14.01 14.62 -17.93
CA SER B 141 15.00 13.65 -17.39
C SER B 141 15.58 14.17 -16.07
N ASN B 142 15.47 13.38 -14.99
CA ASN B 142 15.98 13.69 -13.63
C ASN B 142 15.34 15.00 -13.14
N ASN B 143 14.06 14.97 -12.79
CA ASN B 143 13.26 16.18 -12.44
C ASN B 143 11.93 15.79 -11.78
N ASN B 144 11.22 16.78 -11.24
CA ASN B 144 9.83 16.68 -10.72
C ASN B 144 8.97 17.73 -11.44
N ILE B 145 7.68 17.80 -11.12
CA ILE B 145 6.69 18.71 -11.79
C ILE B 145 7.19 20.15 -11.69
N ALA B 146 7.41 20.65 -10.47
CA ALA B 146 7.74 22.05 -10.13
C ALA B 146 8.94 22.55 -10.95
N ARG B 147 10.04 21.79 -10.92
CA ARG B 147 11.34 22.20 -11.52
C ARG B 147 11.24 22.25 -13.05
N ILE B 148 10.46 21.35 -13.66
CA ILE B 148 10.22 21.31 -15.14
C ILE B 148 9.46 22.58 -15.54
N THR B 149 8.39 22.93 -14.81
CA THR B 149 7.57 24.15 -15.01
C THR B 149 8.49 25.37 -15.10
N GLY B 150 9.38 25.53 -14.10
CA GLY B 150 10.36 26.62 -14.02
C GLY B 150 11.25 26.69 -15.25
N MET B 151 11.81 25.55 -15.68
CA MET B 151 12.76 25.46 -16.82
C MET B 151 12.08 25.86 -18.13
N VAL B 152 10.90 25.28 -18.41
CA VAL B 152 10.13 25.51 -19.67
C VAL B 152 9.64 26.96 -19.69
N GLU B 153 9.24 27.49 -18.51
CA GLU B 153 8.83 28.91 -18.33
C GLU B 153 9.95 29.83 -18.81
N ARG B 154 11.15 29.72 -18.21
CA ARG B 154 12.33 30.57 -18.47
C ARG B 154 12.80 30.37 -19.92
N LEU B 155 12.65 29.16 -20.47
CA LEU B 155 13.03 28.81 -21.86
C LEU B 155 12.21 29.65 -22.84
N CYS B 156 10.90 29.77 -22.60
CA CYS B 156 9.95 30.55 -23.45
C CYS B 156 10.24 32.05 -23.34
N GLN B 157 10.52 32.54 -22.12
CA GLN B 157 10.83 33.97 -21.84
C GLN B 157 12.03 34.43 -22.67
N ALA B 158 13.01 33.56 -22.91
CA ALA B 158 14.29 33.87 -23.58
C ALA B 158 14.13 33.87 -25.11
N PHE B 159 13.53 32.81 -25.68
CA PHE B 159 13.50 32.55 -27.14
C PHE B 159 12.07 32.66 -27.71
N GLY B 160 11.04 32.71 -26.85
CA GLY B 160 9.62 32.68 -27.26
C GLY B 160 9.04 34.09 -27.40
N PRO B 161 8.24 34.37 -28.45
CA PRO B 161 7.57 35.67 -28.61
C PRO B 161 6.77 36.11 -27.38
N ARG B 162 6.89 37.39 -27.00
CA ARG B 162 6.17 38.03 -25.86
C ARG B 162 4.78 38.43 -26.35
N LEU B 163 3.72 37.96 -25.66
CA LEU B 163 2.30 38.08 -26.10
C LEU B 163 1.62 39.20 -25.32
N ILE B 164 1.43 39.01 -24.01
CA ILE B 164 0.71 39.95 -23.09
C ILE B 164 1.14 39.67 -21.65
N GLN B 165 0.69 40.52 -20.71
CA GLN B 165 1.02 40.42 -19.26
C GLN B 165 -0.27 40.54 -18.43
N LEU B 166 -0.48 39.61 -17.50
CA LEU B 166 -1.60 39.62 -16.52
C LEU B 166 -0.99 39.60 -15.11
N ASP B 167 -1.22 40.67 -14.33
CA ASP B 167 -0.62 40.89 -12.98
C ASP B 167 0.91 40.90 -13.14
N ASP B 168 1.62 40.21 -12.25
CA ASP B 168 3.11 40.07 -12.27
C ASP B 168 3.53 39.13 -13.40
N VAL B 169 2.72 38.12 -13.69
CA VAL B 169 3.03 37.01 -14.66
C VAL B 169 3.08 37.58 -16.07
N THR B 170 4.17 37.34 -16.81
CA THR B 170 4.38 37.74 -18.22
C THR B 170 4.44 36.49 -19.10
N TYR B 171 3.45 36.31 -19.97
CA TYR B 171 3.23 35.07 -20.78
C TYR B 171 3.97 35.19 -22.12
N HIS B 172 4.62 34.09 -22.52
CA HIS B 172 5.39 33.95 -23.80
C HIS B 172 4.89 32.71 -24.56
N GLY B 173 4.64 32.85 -25.87
CA GLY B 173 4.33 31.73 -26.78
C GLY B 173 5.56 30.87 -26.99
N PHE B 174 5.38 29.55 -27.09
CA PHE B 174 6.49 28.57 -27.19
C PHE B 174 7.29 28.83 -28.47
N PRO B 175 8.64 28.89 -28.41
CA PRO B 175 9.44 29.23 -29.58
C PRO B 175 9.39 28.19 -30.71
N ASN B 176 9.81 28.62 -31.91
CA ASN B 176 9.95 27.74 -33.10
C ASN B 176 11.36 27.13 -33.09
N LEU B 177 11.69 26.31 -34.09
CA LEU B 177 12.99 25.59 -34.21
C LEU B 177 14.12 26.60 -34.46
N HIS B 178 13.87 27.60 -35.31
CA HIS B 178 14.86 28.64 -35.73
C HIS B 178 15.38 29.40 -34.50
N ALA B 179 14.49 29.72 -33.56
CA ALA B 179 14.79 30.45 -32.30
C ALA B 179 15.65 29.58 -31.38
N LEU B 180 15.29 28.30 -31.22
CA LEU B 180 15.98 27.35 -30.30
C LEU B 180 17.30 26.88 -30.92
N ALA B 181 17.39 26.84 -32.26
CA ALA B 181 18.61 26.48 -33.01
C ALA B 181 19.53 27.71 -33.12
N GLY B 182 20.04 28.19 -31.98
CA GLY B 182 20.87 29.39 -31.87
C GLY B 182 22.23 29.09 -31.24
N PRO B 183 23.26 29.94 -31.49
CA PRO B 183 24.61 29.68 -30.98
C PRO B 183 24.75 29.84 -29.46
N GLU B 184 24.14 30.88 -28.88
CA GLU B 184 24.18 31.18 -27.43
C GLU B 184 22.97 30.54 -26.73
N ALA B 185 22.26 29.64 -27.42
CA ALA B 185 21.05 28.95 -26.91
C ALA B 185 21.39 28.16 -25.64
N GLU B 186 22.42 27.30 -25.70
CA GLU B 186 22.83 26.40 -24.61
C GLU B 186 23.27 27.23 -23.39
N THR B 187 24.27 28.11 -23.57
CA THR B 187 24.91 28.92 -22.49
C THR B 187 23.84 29.72 -21.74
N HIS B 188 22.84 30.25 -22.45
CA HIS B 188 21.66 30.95 -21.88
C HIS B 188 20.80 29.94 -21.13
N LEU B 189 20.48 28.81 -21.77
CA LEU B 189 19.68 27.70 -21.18
C LEU B 189 20.39 27.15 -19.94
N ARG B 190 21.72 26.99 -20.00
CA ARG B 190 22.59 26.58 -18.87
C ARG B 190 22.55 27.67 -17.78
N LYS B 191 22.56 28.95 -18.20
CA LYS B 191 22.42 30.14 -17.32
C LYS B 191 21.04 30.11 -16.65
N LEU B 192 20.00 29.72 -17.41
CA LEU B 192 18.61 29.53 -16.91
C LEU B 192 18.60 28.43 -15.84
N GLY B 193 19.28 27.31 -16.11
CA GLY B 193 19.46 26.19 -15.17
C GLY B 193 18.89 24.88 -15.69
N LEU B 194 19.07 24.58 -16.98
CA LEU B 194 18.67 23.31 -17.63
C LEU B 194 19.79 22.28 -17.46
N GLY B 195 21.05 22.72 -17.45
CA GLY B 195 22.23 21.85 -17.34
C GLY B 195 22.51 21.12 -18.64
N TYR B 196 22.54 19.79 -18.62
CA TYR B 196 22.82 18.91 -19.78
C TYR B 196 21.63 18.96 -20.75
N ARG B 197 20.42 19.17 -20.23
CA ARG B 197 19.15 19.25 -21.01
C ARG B 197 19.30 20.30 -22.12
N ALA B 198 19.96 21.42 -21.82
CA ALA B 198 20.19 22.57 -22.74
C ALA B 198 20.89 22.09 -24.02
N ARG B 199 21.81 21.13 -23.91
CA ARG B 199 22.59 20.60 -25.06
C ARG B 199 21.64 19.97 -26.08
N TYR B 200 20.73 19.09 -25.62
CA TYR B 200 19.81 18.29 -26.45
C TYR B 200 18.83 19.19 -27.20
N VAL B 201 18.26 20.19 -26.51
CA VAL B 201 17.30 21.19 -27.05
C VAL B 201 17.89 21.80 -28.34
N ARG B 202 19.13 22.28 -28.27
CA ARG B 202 19.84 22.98 -29.37
C ARG B 202 20.12 22.00 -30.51
N ALA B 203 20.61 20.80 -30.18
CA ALA B 203 21.00 19.74 -31.15
C ALA B 203 19.78 19.22 -31.90
N SER B 204 18.68 18.96 -31.17
CA SER B 204 17.39 18.46 -31.72
C SER B 204 16.75 19.51 -32.63
N ALA B 205 16.78 20.78 -32.20
CA ALA B 205 16.26 21.94 -32.96
C ALA B 205 16.95 22.03 -34.32
N LYS B 206 18.29 21.95 -34.33
CA LYS B 206 19.15 22.02 -35.55
C LYS B 206 18.89 20.80 -36.44
N ALA B 207 18.71 19.62 -35.83
CA ALA B 207 18.52 18.32 -36.51
C ALA B 207 17.22 18.33 -37.33
N ILE B 208 16.13 18.84 -36.75
CA ILE B 208 14.76 18.86 -37.36
C ILE B 208 14.73 19.90 -38.49
N LEU B 209 15.61 20.91 -38.44
CA LEU B 209 15.72 21.98 -39.46
C LEU B 209 16.52 21.49 -40.67
N GLU B 210 17.73 20.94 -40.43
CA GLU B 210 18.74 20.62 -41.48
C GLU B 210 18.40 19.27 -42.14
N GLU B 211 18.56 18.17 -41.40
CA GLU B 211 18.55 16.78 -41.92
C GLU B 211 17.12 16.34 -42.26
N GLN B 212 16.19 16.45 -41.30
CA GLN B 212 14.79 15.97 -41.41
C GLN B 212 13.99 16.89 -42.35
N GLY B 213 14.10 18.22 -42.15
CA GLY B 213 13.58 19.26 -43.06
C GLY B 213 12.34 19.96 -42.53
N GLY B 214 12.54 20.94 -41.64
CA GLY B 214 11.49 21.85 -41.14
C GLY B 214 10.58 21.18 -40.10
N PRO B 215 9.65 21.95 -39.48
CA PRO B 215 8.76 21.42 -38.45
C PRO B 215 7.59 20.57 -38.98
N ALA B 216 7.43 20.52 -40.31
CA ALA B 216 6.41 19.69 -41.01
C ALA B 216 6.71 18.20 -40.80
N TRP B 217 7.97 17.86 -40.49
CA TRP B 217 8.43 16.47 -40.19
C TRP B 217 7.74 15.94 -38.93
N LEU B 218 7.51 16.80 -37.93
CA LEU B 218 6.80 16.43 -36.67
C LEU B 218 5.32 16.17 -36.97
N GLN B 219 4.73 16.94 -37.89
CA GLN B 219 3.32 16.77 -38.34
C GLN B 219 3.19 15.47 -39.14
N GLN B 220 4.28 15.03 -39.78
CA GLN B 220 4.36 13.75 -40.54
C GLN B 220 4.25 12.57 -39.56
N LEU B 221 4.79 12.71 -38.34
CA LEU B 221 4.82 11.64 -37.31
C LEU B 221 3.43 11.50 -36.67
N ARG B 222 2.64 12.58 -36.65
CA ARG B 222 1.25 12.60 -36.10
C ARG B 222 0.36 11.67 -36.94
N VAL B 223 0.54 11.66 -38.27
CA VAL B 223 -0.27 10.85 -39.22
C VAL B 223 0.38 9.47 -39.42
N ALA B 224 1.71 9.36 -39.23
CA ALA B 224 2.49 8.11 -39.38
C ALA B 224 2.06 7.11 -38.31
N PRO B 225 2.26 5.79 -38.54
CA PRO B 225 1.96 4.78 -37.52
C PRO B 225 2.91 4.88 -36.31
N TYR B 226 2.44 4.42 -35.15
CA TYR B 226 3.11 4.53 -33.82
C TYR B 226 4.56 4.03 -33.91
N GLU B 227 4.77 2.87 -34.54
CA GLU B 227 6.08 2.17 -34.60
C GLU B 227 7.10 3.07 -35.30
N GLU B 228 6.72 3.65 -36.45
CA GLU B 228 7.55 4.57 -37.26
C GLU B 228 7.77 5.89 -36.51
N ALA B 229 6.72 6.40 -35.85
CA ALA B 229 6.71 7.68 -35.10
C ALA B 229 7.72 7.61 -33.95
N HIS B 230 7.68 6.53 -33.17
CA HIS B 230 8.59 6.30 -32.00
C HIS B 230 10.03 6.12 -32.51
N LYS B 231 10.21 5.35 -33.59
CA LYS B 231 11.52 5.07 -34.24
C LYS B 231 12.14 6.40 -34.70
N ALA B 232 11.35 7.29 -35.31
CA ALA B 232 11.76 8.60 -35.86
C ALA B 232 12.26 9.52 -34.73
N LEU B 233 11.53 9.59 -33.62
CA LEU B 233 11.81 10.50 -32.47
C LEU B 233 13.13 10.10 -31.78
N CYS B 234 13.43 8.81 -31.72
CA CYS B 234 14.60 8.24 -30.99
C CYS B 234 15.93 8.68 -31.65
N THR B 235 15.91 8.98 -32.94
CA THR B 235 17.11 9.42 -33.73
C THR B 235 17.55 10.82 -33.29
N LEU B 236 16.68 11.59 -32.63
CA LEU B 236 16.99 12.97 -32.15
C LEU B 236 17.85 12.89 -30.88
N PRO B 237 18.83 13.80 -30.70
CA PRO B 237 19.64 13.84 -29.48
C PRO B 237 18.80 14.18 -28.23
N GLY B 238 18.94 13.37 -27.17
CA GLY B 238 18.27 13.58 -25.88
C GLY B 238 16.94 12.86 -25.77
N VAL B 239 16.43 12.32 -26.90
CA VAL B 239 15.12 11.61 -26.99
C VAL B 239 15.39 10.10 -26.93
N GLY B 240 15.03 9.46 -25.82
CA GLY B 240 15.03 7.99 -25.65
C GLY B 240 13.64 7.42 -25.77
N ALA B 241 13.49 6.11 -25.52
CA ALA B 241 12.23 5.34 -25.61
C ALA B 241 11.14 6.01 -24.77
N LYS B 242 11.47 6.44 -23.55
CA LYS B 242 10.53 7.03 -22.57
C LYS B 242 9.96 8.34 -23.10
N VAL B 243 10.83 9.25 -23.54
CA VAL B 243 10.47 10.61 -24.05
C VAL B 243 9.71 10.46 -25.37
N ALA B 244 10.14 9.53 -26.23
CA ALA B 244 9.52 9.21 -27.54
C ALA B 244 8.07 8.77 -27.34
N ASP B 245 7.82 7.96 -26.30
CA ASP B 245 6.47 7.43 -25.94
C ASP B 245 5.61 8.56 -25.37
N CYS B 246 6.22 9.45 -24.57
CA CYS B 246 5.56 10.65 -23.99
C CYS B 246 5.07 11.57 -25.12
N ILE B 247 5.93 11.86 -26.10
CA ILE B 247 5.62 12.71 -27.28
C ILE B 247 4.54 12.02 -28.12
N CYS B 248 4.73 10.72 -28.41
CA CYS B 248 3.78 9.87 -29.18
C CYS B 248 2.39 9.92 -28.54
N LEU B 249 2.32 9.77 -27.22
CA LEU B 249 1.06 9.67 -26.44
C LEU B 249 0.35 11.03 -26.41
N MET B 250 1.09 12.12 -26.15
CA MET B 250 0.54 13.42 -25.72
C MET B 250 0.49 14.42 -26.87
N ALA B 251 1.08 14.11 -28.03
CA ALA B 251 1.23 15.04 -29.18
C ALA B 251 0.85 14.37 -30.51
N LEU B 252 1.35 13.16 -30.77
CA LEU B 252 1.28 12.51 -32.11
C LEU B 252 0.10 11.52 -32.21
N ASP B 253 -0.87 11.61 -31.29
CA ASP B 253 -2.15 10.84 -31.33
C ASP B 253 -1.84 9.33 -31.39
N LYS B 254 -1.05 8.82 -30.43
CA LYS B 254 -0.80 7.37 -30.21
C LYS B 254 -1.31 7.01 -28.82
N PRO B 255 -2.63 6.80 -28.63
CA PRO B 255 -3.18 6.49 -27.30
C PRO B 255 -2.65 5.18 -26.70
N GLN B 256 -2.08 4.30 -27.54
CA GLN B 256 -1.53 2.98 -27.13
C GLN B 256 -0.10 3.14 -26.60
N ALA B 257 0.52 4.31 -26.80
CA ALA B 257 1.89 4.62 -26.34
C ALA B 257 1.92 4.63 -24.80
N VAL B 258 2.77 3.79 -24.20
CA VAL B 258 2.94 3.65 -22.72
C VAL B 258 4.38 4.03 -22.37
N PRO B 259 4.66 5.28 -21.94
CA PRO B 259 5.98 5.66 -21.46
C PRO B 259 6.40 4.83 -20.24
N VAL B 260 7.53 4.10 -20.35
CA VAL B 260 8.05 3.19 -19.28
C VAL B 260 9.33 3.80 -18.70
N ASP B 261 9.29 4.12 -17.40
CA ASP B 261 10.45 4.56 -16.57
C ASP B 261 10.53 3.64 -15.34
N VAL B 262 11.35 4.00 -14.35
CA VAL B 262 11.62 3.19 -13.11
C VAL B 262 10.35 3.13 -12.25
N HIS B 263 9.45 4.11 -12.34
CA HIS B 263 8.26 4.25 -11.46
C HIS B 263 7.16 3.26 -11.88
N VAL B 264 6.85 3.18 -13.18
CA VAL B 264 5.81 2.24 -13.71
C VAL B 264 6.28 0.80 -13.45
N TRP B 265 7.59 0.55 -13.56
CA TRP B 265 8.26 -0.71 -13.16
C TRP B 265 7.80 -1.14 -11.76
N GLN B 266 7.86 -0.22 -10.79
CA GLN B 266 7.50 -0.47 -9.37
C GLN B 266 6.00 -0.77 -9.26
N ILE B 267 5.16 0.09 -9.84
CA ILE B 267 3.67 -0.07 -9.87
C ILE B 267 3.33 -1.40 -10.54
N ALA B 268 3.91 -1.66 -11.72
CA ALA B 268 3.74 -2.91 -12.50
C ALA B 268 4.11 -4.12 -11.63
N HIS B 269 5.27 -4.05 -10.97
CA HIS B 269 5.78 -5.13 -10.08
C HIS B 269 4.88 -5.26 -8.85
N ARG B 270 4.58 -4.14 -8.18
CA ARG B 270 3.83 -4.11 -6.89
C ARG B 270 2.37 -4.54 -7.11
N ASP B 271 1.67 -3.89 -8.04
CA ASP B 271 0.18 -3.96 -8.16
C ASP B 271 -0.26 -5.06 -9.13
N TYR B 272 0.60 -5.48 -10.08
CA TYR B 272 0.28 -6.49 -11.11
C TYR B 272 1.19 -7.73 -11.01
N GLY B 273 2.20 -7.71 -10.13
CA GLY B 273 3.13 -8.84 -9.91
C GLY B 273 3.93 -9.18 -11.16
N TRP B 274 4.37 -8.16 -11.90
CA TRP B 274 5.07 -8.30 -13.20
C TRP B 274 6.58 -8.37 -12.99
N HIS B 275 7.23 -9.37 -13.62
CA HIS B 275 8.70 -9.47 -13.78
C HIS B 275 9.02 -9.66 -15.26
N PRO B 276 10.20 -9.21 -15.74
CA PRO B 276 10.63 -9.50 -17.11
C PRO B 276 11.18 -10.93 -17.24
N LYS B 277 10.82 -11.62 -18.32
CA LYS B 277 11.41 -12.94 -18.68
C LYS B 277 12.87 -12.70 -19.10
N THR B 278 13.82 -13.17 -18.27
CA THR B 278 15.29 -12.95 -18.42
C THR B 278 15.59 -11.45 -18.29
N PRO B 284 15.51 -2.77 -15.00
CA PRO B 284 15.32 -1.93 -16.18
C PRO B 284 16.38 -2.17 -17.27
N SER B 285 15.92 -2.34 -18.52
CA SER B 285 16.76 -2.52 -19.73
C SER B 285 15.95 -2.14 -20.96
N PRO B 286 16.59 -1.89 -22.13
CA PRO B 286 15.86 -1.52 -23.35
C PRO B 286 14.73 -2.49 -23.71
N LEU B 287 15.01 -3.80 -23.69
CA LEU B 287 14.07 -4.88 -24.09
C LEU B 287 13.04 -5.12 -22.97
N ALA B 288 13.43 -4.94 -21.71
CA ALA B 288 12.57 -5.12 -20.52
C ALA B 288 11.53 -3.99 -20.46
N ASN B 289 11.96 -2.76 -20.75
CA ASN B 289 11.08 -1.55 -20.87
C ASN B 289 10.03 -1.81 -21.96
N LYS B 290 10.48 -2.23 -23.14
CA LYS B 290 9.65 -2.55 -24.33
C LYS B 290 8.61 -3.62 -23.95
N GLU B 291 9.04 -4.69 -23.27
CA GLU B 291 8.17 -5.80 -22.81
C GLU B 291 7.07 -5.25 -21.89
N LEU B 292 7.41 -4.31 -20.99
CA LEU B 292 6.46 -3.74 -20.00
C LEU B 292 5.40 -2.89 -20.71
N GLY B 293 5.81 -2.11 -21.73
CA GLY B 293 4.90 -1.34 -22.59
C GLY B 293 3.89 -2.25 -23.29
N ASN B 294 4.35 -3.37 -23.86
CA ASN B 294 3.51 -4.38 -24.54
C ASN B 294 2.51 -4.97 -23.53
N PHE B 295 2.97 -5.30 -22.33
CA PHE B 295 2.15 -5.89 -21.24
C PHE B 295 0.89 -5.05 -21.01
N PHE B 296 1.05 -3.74 -20.81
CA PHE B 296 -0.06 -2.80 -20.48
C PHE B 296 -0.98 -2.62 -21.69
N ARG B 297 -0.43 -2.61 -22.91
CA ARG B 297 -1.21 -2.57 -24.17
C ARG B 297 -2.10 -3.82 -24.26
N ASN B 298 -1.55 -5.00 -23.93
CA ASN B 298 -2.28 -6.31 -23.94
C ASN B 298 -3.37 -6.29 -22.87
N LEU B 299 -3.14 -5.63 -21.73
CA LEU B 299 -4.09 -5.56 -20.59
C LEU B 299 -5.21 -4.57 -20.90
N TRP B 300 -4.85 -3.34 -21.27
CA TRP B 300 -5.79 -2.18 -21.34
C TRP B 300 -6.37 -1.99 -22.75
N GLY B 301 -5.59 -2.28 -23.79
CA GLY B 301 -6.02 -2.17 -25.20
C GLY B 301 -5.42 -0.96 -25.89
N PRO B 302 -6.09 -0.38 -26.91
CA PRO B 302 -5.49 0.66 -27.75
C PRO B 302 -5.37 2.05 -27.11
N TYR B 303 -5.98 2.26 -25.93
CA TYR B 303 -5.87 3.49 -25.12
C TYR B 303 -5.11 3.18 -23.82
N ALA B 304 -4.02 2.42 -23.93
CA ALA B 304 -3.17 1.98 -22.79
C ALA B 304 -2.51 3.19 -22.11
N GLY B 305 -2.03 4.14 -22.90
CA GLY B 305 -1.40 5.40 -22.42
C GLY B 305 -2.36 6.22 -21.58
N TRP B 306 -3.63 6.30 -22.02
CA TRP B 306 -4.73 7.00 -21.30
C TRP B 306 -4.98 6.33 -19.95
N ALA B 307 -4.96 5.00 -19.92
CA ALA B 307 -5.20 4.16 -18.71
C ALA B 307 -4.09 4.43 -17.68
N GLN B 308 -2.83 4.45 -18.13
CA GLN B 308 -1.64 4.74 -17.29
C GLN B 308 -1.79 6.12 -16.63
N ALA B 309 -2.20 7.13 -17.40
CA ALA B 309 -2.36 8.54 -16.96
C ALA B 309 -3.29 8.61 -15.75
N VAL B 310 -4.31 7.74 -15.68
CA VAL B 310 -5.28 7.66 -14.56
C VAL B 310 -4.55 7.16 -13.30
N LEU B 311 -3.68 6.16 -13.45
CA LEU B 311 -2.89 5.56 -12.34
C LEU B 311 -1.78 6.51 -11.89
N PHE B 312 -1.23 7.31 -12.82
CA PHE B 312 -0.21 8.36 -12.54
C PHE B 312 -0.81 9.43 -11.63
N SER B 313 -1.93 10.03 -12.06
CA SER B 313 -2.69 11.09 -11.32
C SER B 313 -3.14 10.55 -9.95
N ALA B 314 -3.46 9.25 -9.88
CA ALA B 314 -3.85 8.54 -8.64
C ALA B 314 -2.66 8.45 -7.68
N ASP B 315 -1.46 8.17 -8.21
CA ASP B 315 -0.21 8.03 -7.43
C ASP B 315 0.17 9.39 -6.82
N LEU B 316 0.16 10.45 -7.64
CA LEU B 316 0.45 11.85 -7.24
C LEU B 316 -0.87 12.57 -6.92
N GLY C 1 -53.28 -16.37 4.41
CA GLY C 1 -52.55 -15.76 5.56
C GLY C 1 -52.15 -14.33 5.29
N SER C 2 -51.75 -13.59 6.33
CA SER C 2 -51.32 -12.18 6.25
C SER C 2 -49.98 -12.07 5.51
N HIS C 3 -49.74 -10.91 4.87
CA HIS C 3 -48.43 -10.54 4.27
C HIS C 3 -47.39 -10.47 5.39
N MET C 4 -46.36 -11.32 5.32
CA MET C 4 -45.25 -11.38 6.31
C MET C 4 -44.09 -10.52 5.79
N ARG C 5 -43.55 -9.66 6.66
CA ARG C 5 -42.39 -8.77 6.37
C ARG C 5 -41.13 -9.37 7.01
N HIS C 6 -39.95 -8.86 6.64
CA HIS C 6 -38.65 -9.18 7.28
C HIS C 6 -38.66 -8.63 8.71
N ARG C 7 -38.32 -9.46 9.69
CA ARG C 7 -38.38 -9.15 11.14
C ARG C 7 -37.15 -8.34 11.55
N THR C 8 -37.25 -7.60 12.67
CA THR C 8 -36.18 -6.78 13.29
C THR C 8 -36.05 -7.17 14.77
N LEU C 9 -35.02 -6.67 15.45
CA LEU C 9 -34.68 -7.04 16.85
C LEU C 9 -35.81 -6.62 17.80
N SER C 10 -36.35 -5.41 17.60
CA SER C 10 -37.40 -4.78 18.46
C SER C 10 -38.80 -5.08 17.91
N SER C 11 -38.90 -5.64 16.70
CA SER C 11 -40.19 -5.94 16.01
C SER C 11 -40.93 -7.06 16.76
N SER C 12 -40.34 -8.25 16.85
CA SER C 12 -40.96 -9.47 17.42
C SER C 12 -40.07 -10.10 18.49
N PRO C 13 -39.71 -9.38 19.58
CA PRO C 13 -38.77 -9.89 20.58
C PRO C 13 -39.02 -11.34 21.02
N ALA C 14 -40.29 -11.76 21.05
CA ALA C 14 -40.74 -13.13 21.39
C ALA C 14 -40.15 -14.14 20.38
N LEU C 15 -40.03 -13.76 19.10
CA LEU C 15 -39.55 -14.62 17.99
C LEU C 15 -38.05 -14.42 17.75
N TRP C 16 -37.26 -14.21 18.81
CA TRP C 16 -35.79 -14.02 18.75
C TRP C 16 -35.11 -14.73 19.93
N ALA C 17 -34.39 -15.83 19.65
CA ALA C 17 -33.45 -16.50 20.58
C ALA C 17 -32.07 -15.87 20.43
N SER C 18 -31.24 -15.95 21.48
CA SER C 18 -29.87 -15.38 21.53
C SER C 18 -28.85 -16.50 21.74
N ILE C 19 -27.82 -16.56 20.90
CA ILE C 19 -26.61 -17.42 21.08
C ILE C 19 -25.52 -16.55 21.68
N PRO C 20 -24.89 -16.95 22.81
CA PRO C 20 -23.81 -16.16 23.41
C PRO C 20 -22.58 -16.14 22.48
N CYS C 21 -22.34 -15.00 21.82
CA CYS C 21 -21.34 -14.85 20.73
C CYS C 21 -20.83 -13.40 20.68
N PRO C 22 -19.59 -13.13 21.15
CA PRO C 22 -19.00 -11.80 21.02
C PRO C 22 -18.80 -11.40 19.55
N ARG C 23 -18.87 -10.09 19.26
CA ARG C 23 -18.68 -9.53 17.89
C ARG C 23 -17.22 -9.72 17.47
N SER C 24 -16.31 -9.92 18.44
CA SER C 24 -14.87 -10.25 18.21
C SER C 24 -14.73 -11.67 17.62
N GLU C 25 -15.60 -12.60 18.04
CA GLU C 25 -15.56 -14.03 17.62
C GLU C 25 -16.32 -14.23 16.30
N LEU C 26 -17.16 -13.27 15.89
CA LEU C 26 -17.94 -13.33 14.62
C LEU C 26 -18.48 -11.94 14.28
N ARG C 27 -18.20 -11.46 13.06
CA ARG C 27 -18.82 -10.25 12.46
C ARG C 27 -19.60 -10.67 11.21
N LEU C 28 -20.93 -10.64 11.28
CA LEU C 28 -21.86 -11.10 10.22
C LEU C 28 -21.60 -10.34 8.91
N ASP C 29 -21.25 -9.06 9.00
CA ASP C 29 -21.07 -8.15 7.84
C ASP C 29 -19.77 -8.49 7.08
N LEU C 30 -18.86 -9.26 7.67
CA LEU C 30 -17.55 -9.65 7.06
C LEU C 30 -17.54 -11.13 6.68
N VAL C 31 -18.65 -11.84 6.84
CA VAL C 31 -18.74 -13.33 6.64
C VAL C 31 -19.82 -13.67 5.60
N LEU C 32 -21.03 -13.10 5.74
CA LEU C 32 -22.25 -13.56 5.03
C LEU C 32 -22.27 -13.09 3.57
N ALA C 33 -21.54 -12.02 3.22
CA ALA C 33 -21.49 -11.45 1.85
C ALA C 33 -20.04 -11.29 1.39
N SER C 34 -19.13 -12.14 1.88
CA SER C 34 -17.67 -12.10 1.59
C SER C 34 -17.26 -13.27 0.67
N GLY C 35 -18.15 -13.67 -0.25
CA GLY C 35 -17.89 -14.66 -1.31
C GLY C 35 -17.71 -16.07 -0.77
N GLN C 36 -18.29 -16.38 0.39
CA GLN C 36 -18.36 -17.76 0.95
C GLN C 36 -19.68 -18.40 0.51
N SER C 37 -20.80 -17.98 1.11
CA SER C 37 -22.19 -18.31 0.68
C SER C 37 -22.81 -17.06 0.05
N PHE C 38 -23.64 -17.24 -0.98
CA PHE C 38 -24.23 -16.16 -1.82
C PHE C 38 -25.75 -16.12 -1.61
N ARG C 39 -26.22 -16.50 -0.42
CA ARG C 39 -27.66 -16.70 -0.11
C ARG C 39 -28.15 -15.63 0.88
N TRP C 40 -27.25 -14.87 1.51
CA TRP C 40 -27.58 -13.86 2.55
C TRP C 40 -27.61 -12.47 1.93
N LYS C 41 -28.61 -11.66 2.31
CA LYS C 41 -28.75 -10.23 1.93
C LYS C 41 -29.13 -9.41 3.16
N GLU C 42 -28.67 -8.15 3.22
CA GLU C 42 -28.99 -7.19 4.30
C GLU C 42 -30.26 -6.42 3.91
N GLN C 43 -31.43 -7.02 4.17
CA GLN C 43 -32.76 -6.49 3.76
C GLN C 43 -33.05 -5.19 4.51
N SER C 44 -32.75 -5.15 5.81
CA SER C 44 -32.79 -3.94 6.68
C SER C 44 -31.44 -3.77 7.37
N PRO C 45 -31.09 -2.57 7.89
CA PRO C 45 -29.78 -2.34 8.48
C PRO C 45 -29.43 -3.32 9.62
N ALA C 46 -28.26 -3.97 9.50
CA ALA C 46 -27.67 -4.89 10.51
C ALA C 46 -28.55 -6.13 10.70
N HIS C 47 -29.35 -6.50 9.69
CA HIS C 47 -30.25 -7.68 9.70
C HIS C 47 -30.06 -8.48 8.40
N TRP C 48 -29.47 -9.67 8.50
CA TRP C 48 -29.09 -10.53 7.35
C TRP C 48 -30.10 -11.69 7.22
N SER C 49 -30.78 -11.77 6.07
CA SER C 49 -31.81 -12.78 5.76
C SER C 49 -31.31 -13.72 4.65
N GLY C 50 -31.49 -15.03 4.84
CA GLY C 50 -31.07 -16.08 3.89
C GLY C 50 -31.64 -17.44 4.24
N VAL C 51 -31.54 -18.40 3.32
CA VAL C 51 -32.01 -19.81 3.49
C VAL C 51 -30.88 -20.62 4.13
N LEU C 52 -31.24 -21.61 4.96
CA LEU C 52 -30.29 -22.54 5.63
C LEU C 52 -31.04 -23.83 5.98
N ALA C 53 -30.86 -24.88 5.18
CA ALA C 53 -31.46 -26.23 5.34
C ALA C 53 -32.98 -26.13 5.19
N ASP C 54 -33.45 -25.66 4.02
CA ASP C 54 -34.89 -25.54 3.66
C ASP C 54 -35.64 -24.81 4.77
N GLN C 55 -35.14 -23.66 5.19
CA GLN C 55 -35.71 -22.83 6.29
C GLN C 55 -35.06 -21.43 6.24
N VAL C 56 -35.88 -20.37 6.16
CA VAL C 56 -35.41 -18.96 6.08
C VAL C 56 -35.08 -18.47 7.49
N TRP C 57 -33.93 -17.79 7.65
CA TRP C 57 -33.48 -17.14 8.90
C TRP C 57 -33.23 -15.64 8.64
N THR C 58 -33.36 -14.81 9.68
CA THR C 58 -32.80 -13.43 9.76
C THR C 58 -31.88 -13.37 10.98
N LEU C 59 -30.72 -12.72 10.82
CA LEU C 59 -29.65 -12.68 11.85
C LEU C 59 -29.23 -11.24 12.12
N THR C 60 -29.04 -10.89 13.40
CA THR C 60 -28.43 -9.64 13.89
C THR C 60 -27.60 -9.96 15.14
N GLN C 61 -26.75 -9.03 15.59
CA GLN C 61 -25.84 -9.23 16.74
C GLN C 61 -25.67 -7.93 17.52
N THR C 62 -25.23 -8.05 18.77
CA THR C 62 -24.72 -6.94 19.63
C THR C 62 -23.29 -7.31 20.06
N GLU C 63 -22.72 -6.57 21.03
CA GLU C 63 -21.34 -6.79 21.55
C GLU C 63 -21.21 -8.20 22.14
N ASP C 64 -22.30 -8.74 22.73
CA ASP C 64 -22.29 -9.96 23.57
C ASP C 64 -23.02 -11.12 22.89
N GLN C 65 -24.17 -10.87 22.25
CA GLN C 65 -25.14 -11.92 21.81
C GLN C 65 -25.34 -11.88 20.30
N LEU C 66 -25.59 -13.07 19.70
CA LEU C 66 -26.06 -13.25 18.30
C LEU C 66 -27.57 -13.51 18.33
N TYR C 67 -28.37 -12.54 17.88
CA TYR C 67 -29.86 -12.62 17.80
C TYR C 67 -30.25 -13.27 16.47
N CYS C 68 -31.04 -14.34 16.52
CA CYS C 68 -31.50 -15.12 15.34
C CYS C 68 -33.00 -15.40 15.44
N THR C 69 -33.72 -15.25 14.31
CA THR C 69 -35.15 -15.60 14.15
C THR C 69 -35.29 -16.60 12.99
N VAL C 70 -36.18 -17.59 13.14
CA VAL C 70 -36.51 -18.61 12.11
C VAL C 70 -37.95 -18.37 11.63
N TYR C 71 -38.14 -18.24 10.32
CA TYR C 71 -39.45 -17.95 9.68
C TYR C 71 -40.20 -19.26 9.42
N ARG C 72 -41.43 -19.34 9.92
CA ARG C 72 -42.35 -20.50 9.76
C ARG C 72 -43.67 -19.99 9.19
N GLY C 73 -44.26 -20.72 8.24
CA GLY C 73 -45.53 -20.36 7.56
C GLY C 73 -46.74 -20.80 8.37
N VAL C 78 -45.41 -18.69 14.61
CA VAL C 78 -44.97 -18.03 15.87
C VAL C 78 -44.29 -19.08 16.78
N SER C 79 -42.96 -19.08 16.81
CA SER C 79 -42.12 -19.94 17.69
C SER C 79 -40.67 -19.43 17.68
N ARG C 80 -40.07 -19.27 18.86
CA ARG C 80 -38.64 -18.91 19.04
C ARG C 80 -37.80 -20.13 18.66
N PRO C 81 -36.64 -19.95 17.97
CA PRO C 81 -35.80 -21.07 17.56
C PRO C 81 -35.64 -22.17 18.63
N THR C 82 -35.73 -23.44 18.21
CA THR C 82 -35.66 -24.64 19.10
C THR C 82 -34.22 -24.82 19.60
N LEU C 83 -34.03 -25.66 20.62
CA LEU C 83 -32.71 -26.05 21.16
C LEU C 83 -31.91 -26.78 20.07
N GLU C 84 -32.59 -27.53 19.21
CA GLU C 84 -32.00 -28.27 18.05
C GLU C 84 -31.61 -27.26 16.96
N GLU C 85 -32.49 -26.30 16.65
CA GLU C 85 -32.30 -25.31 15.55
C GLU C 85 -31.15 -24.34 15.89
N LEU C 86 -30.97 -24.03 17.18
CA LEU C 86 -29.88 -23.13 17.67
C LEU C 86 -28.53 -23.85 17.60
N GLU C 87 -28.54 -25.19 17.64
CA GLU C 87 -27.33 -26.05 17.49
C GLU C 87 -26.91 -26.10 16.02
N THR C 88 -27.86 -26.00 15.08
CA THR C 88 -27.60 -26.00 13.60
C THR C 88 -26.78 -24.76 13.24
N LEU C 89 -27.05 -23.62 13.90
CA LEU C 89 -26.35 -22.33 13.68
C LEU C 89 -24.98 -22.37 14.34
N HIS C 90 -24.90 -22.86 15.58
CA HIS C 90 -23.62 -23.02 16.35
C HIS C 90 -22.66 -23.90 15.53
N LYS C 91 -23.19 -24.84 14.76
CA LYS C 91 -22.44 -25.70 13.80
C LYS C 91 -22.08 -24.88 12.56
N TYR C 92 -23.05 -24.13 12.01
CA TYR C 92 -22.92 -23.35 10.74
C TYR C 92 -21.78 -22.33 10.87
N PHE C 93 -21.68 -21.65 12.01
CA PHE C 93 -20.67 -20.59 12.30
C PHE C 93 -19.43 -21.19 12.99
N GLN C 94 -19.49 -22.47 13.38
CA GLN C 94 -18.34 -23.22 13.97
C GLN C 94 -17.81 -22.47 15.18
N LEU C 95 -18.70 -22.11 16.12
CA LEU C 95 -18.42 -21.17 17.25
C LEU C 95 -17.66 -21.89 18.38
N ASP C 96 -17.46 -23.21 18.28
CA ASP C 96 -16.56 -23.98 19.17
C ASP C 96 -15.12 -23.50 18.97
N VAL C 97 -14.72 -23.28 17.71
CA VAL C 97 -13.36 -22.79 17.31
C VAL C 97 -13.18 -21.35 17.79
N SER C 98 -12.06 -21.07 18.45
CA SER C 98 -11.71 -19.74 19.04
C SER C 98 -10.82 -18.95 18.07
N LEU C 99 -11.36 -17.89 17.46
CA LEU C 99 -10.62 -16.95 16.58
C LEU C 99 -9.56 -16.21 17.38
N ALA C 100 -9.88 -15.78 18.60
CA ALA C 100 -8.99 -15.04 19.53
C ALA C 100 -7.67 -15.80 19.70
N GLN C 101 -7.74 -17.14 19.81
CA GLN C 101 -6.56 -18.05 19.89
C GLN C 101 -5.81 -18.05 18.55
N LEU C 102 -6.55 -18.20 17.44
CA LEU C 102 -5.98 -18.26 16.06
C LEU C 102 -5.35 -16.91 15.70
N TYR C 103 -6.09 -15.81 15.88
CA TYR C 103 -5.63 -14.41 15.65
C TYR C 103 -4.38 -14.12 16.49
N SER C 104 -4.29 -14.72 17.69
CA SER C 104 -3.11 -14.63 18.59
C SER C 104 -1.94 -15.46 18.02
N HIS C 105 -2.24 -16.63 17.46
CA HIS C 105 -1.26 -17.56 16.84
C HIS C 105 -0.73 -16.98 15.52
N TRP C 106 -1.63 -16.60 14.61
CA TRP C 106 -1.30 -16.08 13.26
C TRP C 106 -0.47 -14.80 13.37
N ALA C 107 -0.88 -13.88 14.25
CA ALA C 107 -0.22 -12.56 14.47
C ALA C 107 1.16 -12.74 15.09
N SER C 108 1.33 -13.79 15.92
CA SER C 108 2.60 -14.14 16.60
C SER C 108 3.63 -14.63 15.57
N VAL C 109 3.17 -15.28 14.49
CA VAL C 109 4.03 -15.92 13.45
C VAL C 109 4.19 -14.98 12.25
N ASP C 110 3.15 -14.20 11.91
CA ASP C 110 3.10 -13.31 10.72
C ASP C 110 2.81 -11.87 11.16
N SER C 111 3.67 -10.92 10.75
CA SER C 111 3.58 -9.48 11.11
C SER C 111 2.57 -8.75 10.21
N HIS C 112 2.43 -9.18 8.95
CA HIS C 112 1.46 -8.61 7.98
C HIS C 112 0.03 -8.77 8.52
N PHE C 113 -0.30 -9.99 8.97
CA PHE C 113 -1.61 -10.35 9.56
C PHE C 113 -1.91 -9.43 10.76
N GLN C 114 -0.93 -9.31 11.67
CA GLN C 114 -1.05 -8.51 12.93
C GLN C 114 -1.52 -7.09 12.61
N ARG C 115 -0.88 -6.44 11.63
CA ARG C 115 -1.17 -5.03 11.21
C ARG C 115 -2.54 -4.96 10.52
N VAL C 116 -2.94 -6.03 9.82
CA VAL C 116 -4.18 -6.10 8.99
C VAL C 116 -5.36 -6.56 9.85
N ALA C 117 -5.19 -7.66 10.59
CA ALA C 117 -6.27 -8.40 11.31
C ALA C 117 -6.86 -7.55 12.44
N GLN C 118 -6.11 -6.59 12.98
CA GLN C 118 -6.55 -5.68 14.08
C GLN C 118 -7.90 -5.05 13.72
N LYS C 119 -8.05 -4.59 12.47
CA LYS C 119 -9.24 -3.82 12.00
C LYS C 119 -10.29 -4.75 11.37
N PHE C 120 -10.04 -6.08 11.35
CA PHE C 120 -10.93 -7.11 10.76
C PHE C 120 -10.99 -8.33 11.68
N GLN C 121 -11.59 -8.15 12.86
CA GLN C 121 -11.89 -9.24 13.84
C GLN C 121 -13.24 -9.88 13.49
N GLY C 122 -13.44 -11.13 13.88
CA GLY C 122 -14.71 -11.87 13.71
C GLY C 122 -14.89 -12.43 12.32
N VAL C 123 -13.81 -12.53 11.54
CA VAL C 123 -13.82 -13.14 10.17
C VAL C 123 -13.53 -14.64 10.33
N ARG C 124 -14.59 -15.46 10.30
CA ARG C 124 -14.53 -16.94 10.40
C ARG C 124 -15.18 -17.55 9.17
N LEU C 125 -15.05 -18.86 8.99
CA LEU C 125 -15.59 -19.62 7.84
C LEU C 125 -16.90 -20.31 8.24
N LEU C 126 -17.89 -20.24 7.35
CA LEU C 126 -19.22 -20.90 7.50
C LEU C 126 -19.07 -22.37 7.13
N ARG C 127 -19.68 -23.28 7.91
CA ARG C 127 -19.74 -24.74 7.63
C ARG C 127 -20.92 -25.00 6.70
N GLN C 128 -20.74 -24.70 5.41
CA GLN C 128 -21.79 -24.77 4.36
C GLN C 128 -22.15 -26.24 4.09
N ASP C 129 -23.30 -26.46 3.45
CA ASP C 129 -23.77 -27.78 2.97
C ASP C 129 -22.91 -28.18 1.77
N PRO C 130 -22.27 -29.37 1.78
CA PRO C 130 -21.44 -29.83 0.66
C PRO C 130 -22.05 -29.64 -0.74
N THR C 131 -23.35 -29.92 -0.89
CA THR C 131 -24.09 -29.79 -2.18
C THR C 131 -24.22 -28.31 -2.55
N GLU C 132 -24.64 -27.47 -1.60
CA GLU C 132 -24.79 -26.00 -1.75
C GLU C 132 -23.49 -25.42 -2.32
N CYS C 133 -22.38 -25.58 -1.59
CA CYS C 133 -21.04 -25.03 -1.91
C CYS C 133 -20.60 -25.49 -3.31
N LEU C 134 -20.70 -26.80 -3.58
CA LEU C 134 -20.23 -27.45 -4.83
C LEU C 134 -20.85 -26.76 -6.06
N PHE C 135 -22.16 -26.89 -6.25
CA PHE C 135 -22.91 -26.40 -7.43
C PHE C 135 -22.88 -24.87 -7.51
N SER C 136 -22.71 -24.19 -6.36
CA SER C 136 -22.60 -22.71 -6.26
C SER C 136 -21.27 -22.23 -6.87
N PHE C 137 -20.20 -23.01 -6.71
CA PHE C 137 -18.81 -22.67 -7.14
C PHE C 137 -18.48 -23.32 -8.49
N ILE C 138 -19.29 -24.29 -8.96
CA ILE C 138 -19.14 -24.90 -10.31
C ILE C 138 -19.53 -23.87 -11.38
N CYS C 139 -20.41 -22.93 -11.03
CA CYS C 139 -20.85 -21.79 -11.88
C CYS C 139 -20.17 -20.50 -11.44
N SER C 140 -18.85 -20.55 -11.17
CA SER C 140 -17.99 -19.41 -10.74
C SER C 140 -16.86 -19.20 -11.76
N SER C 141 -17.22 -19.15 -13.05
CA SER C 141 -16.27 -19.04 -14.19
C SER C 141 -15.82 -17.58 -14.36
N ASN C 142 -14.88 -17.15 -13.52
CA ASN C 142 -14.28 -15.78 -13.54
C ASN C 142 -15.37 -14.74 -13.28
N ASN C 143 -16.34 -15.06 -12.42
CA ASN C 143 -17.52 -14.23 -12.10
C ASN C 143 -17.28 -13.44 -10.81
N ASN C 144 -17.89 -12.26 -10.69
CA ASN C 144 -17.92 -11.44 -9.45
C ASN C 144 -19.01 -11.99 -8.52
N ILE C 145 -19.00 -11.58 -7.25
CA ILE C 145 -19.94 -12.04 -6.19
C ILE C 145 -21.38 -11.67 -6.59
N ALA C 146 -21.56 -10.49 -7.18
CA ALA C 146 -22.87 -9.95 -7.65
C ALA C 146 -23.54 -10.94 -8.61
N ARG C 147 -22.78 -11.45 -9.59
CA ARG C 147 -23.28 -12.37 -10.65
C ARG C 147 -23.60 -13.74 -10.05
N ILE C 148 -22.67 -14.31 -9.27
CA ILE C 148 -22.78 -15.66 -8.65
C ILE C 148 -24.02 -15.69 -7.74
N THR C 149 -24.24 -14.61 -6.97
CA THR C 149 -25.45 -14.42 -6.12
C THR C 149 -26.70 -14.56 -7.00
N GLY C 150 -26.69 -13.92 -8.17
CA GLY C 150 -27.77 -13.98 -9.18
C GLY C 150 -28.02 -15.41 -9.65
N MET C 151 -26.98 -16.05 -10.23
CA MET C 151 -27.02 -17.42 -10.79
C MET C 151 -27.59 -18.40 -9.74
N VAL C 152 -27.09 -18.34 -8.50
CA VAL C 152 -27.49 -19.24 -7.38
C VAL C 152 -28.96 -18.98 -7.01
N GLU C 153 -29.41 -17.73 -7.09
CA GLU C 153 -30.81 -17.33 -6.78
C GLU C 153 -31.73 -17.90 -7.87
N ARG C 154 -31.40 -17.65 -9.14
CA ARG C 154 -32.14 -18.16 -10.33
C ARG C 154 -32.18 -19.69 -10.30
N LEU C 155 -31.06 -20.33 -9.91
CA LEU C 155 -30.93 -21.81 -9.81
C LEU C 155 -31.91 -22.36 -8.77
N CYS C 156 -31.97 -21.74 -7.59
CA CYS C 156 -32.84 -22.16 -6.45
C CYS C 156 -34.31 -21.88 -6.79
N GLN C 157 -34.60 -20.81 -7.55
CA GLN C 157 -35.97 -20.42 -7.97
C GLN C 157 -36.58 -21.49 -8.88
N ALA C 158 -35.83 -21.92 -9.90
CA ALA C 158 -36.30 -22.78 -11.01
C ALA C 158 -36.31 -24.26 -10.59
N PHE C 159 -35.27 -24.72 -9.90
CA PHE C 159 -35.03 -26.15 -9.57
C PHE C 159 -35.37 -26.47 -8.11
N GLY C 160 -35.38 -25.47 -7.23
CA GLY C 160 -35.56 -25.64 -5.77
C GLY C 160 -37.01 -25.41 -5.33
N PRO C 161 -37.42 -25.96 -4.17
CA PRO C 161 -38.79 -25.79 -3.68
C PRO C 161 -39.01 -24.47 -2.93
N ARG C 162 -40.13 -23.78 -3.21
CA ARG C 162 -40.56 -22.55 -2.52
C ARG C 162 -40.76 -22.86 -1.03
N LEU C 163 -40.20 -22.03 -0.15
CA LEU C 163 -40.25 -22.19 1.33
C LEU C 163 -41.28 -21.22 1.92
N ILE C 164 -41.12 -19.93 1.67
CA ILE C 164 -41.95 -18.82 2.25
C ILE C 164 -41.66 -17.53 1.48
N GLN C 165 -42.56 -16.55 1.55
CA GLN C 165 -42.41 -15.20 0.94
C GLN C 165 -42.34 -14.15 2.06
N LEU C 166 -41.35 -13.25 1.97
CA LEU C 166 -41.15 -12.10 2.91
C LEU C 166 -40.96 -10.82 2.08
N ASP C 167 -41.83 -9.83 2.28
CA ASP C 167 -41.93 -8.60 1.44
C ASP C 167 -42.10 -9.05 -0.02
N ASP C 168 -41.16 -8.70 -0.91
CA ASP C 168 -41.27 -8.95 -2.37
C ASP C 168 -40.25 -10.01 -2.80
N VAL C 169 -39.70 -10.77 -1.84
CA VAL C 169 -38.62 -11.78 -2.05
C VAL C 169 -39.18 -13.18 -1.78
N THR C 170 -39.15 -14.05 -2.79
CA THR C 170 -39.57 -15.48 -2.71
C THR C 170 -38.33 -16.34 -2.44
N TYR C 171 -38.26 -16.93 -1.25
CA TYR C 171 -37.14 -17.79 -0.77
C TYR C 171 -37.41 -19.24 -1.13
N HIS C 172 -36.55 -19.84 -1.96
CA HIS C 172 -36.56 -21.27 -2.36
C HIS C 172 -35.35 -21.97 -1.75
N GLY C 173 -35.49 -23.24 -1.39
CA GLY C 173 -34.39 -24.12 -0.93
C GLY C 173 -33.43 -24.42 -2.07
N PHE C 174 -32.23 -24.92 -1.74
CA PHE C 174 -31.19 -25.28 -2.75
C PHE C 174 -31.59 -26.59 -3.43
N PRO C 175 -31.53 -26.68 -4.79
CA PRO C 175 -31.98 -27.87 -5.51
C PRO C 175 -31.33 -29.18 -5.03
N ASN C 176 -32.14 -30.23 -4.92
CA ASN C 176 -31.68 -31.63 -4.66
C ASN C 176 -31.00 -32.17 -5.93
N LEU C 177 -30.05 -33.09 -5.75
CA LEU C 177 -29.24 -33.70 -6.85
C LEU C 177 -30.16 -34.20 -7.97
N HIS C 178 -31.31 -34.79 -7.60
CA HIS C 178 -32.32 -35.36 -8.53
C HIS C 178 -32.84 -34.28 -9.49
N ALA C 179 -33.04 -33.05 -8.98
CA ALA C 179 -33.51 -31.87 -9.75
C ALA C 179 -32.46 -31.45 -10.78
N LEU C 180 -31.19 -31.34 -10.34
CA LEU C 180 -30.03 -30.95 -11.18
C LEU C 180 -29.71 -32.08 -12.17
N ALA C 181 -29.97 -33.34 -11.78
CA ALA C 181 -29.77 -34.56 -12.60
C ALA C 181 -31.09 -34.95 -13.27
N GLY C 182 -31.51 -34.18 -14.29
CA GLY C 182 -32.76 -34.36 -15.04
C GLY C 182 -32.52 -34.47 -16.53
N PRO C 183 -33.52 -34.94 -17.31
CA PRO C 183 -33.38 -35.01 -18.78
C PRO C 183 -33.39 -33.63 -19.45
N GLU C 184 -34.17 -32.68 -18.89
CA GLU C 184 -34.28 -31.28 -19.36
C GLU C 184 -33.64 -30.35 -18.34
N ALA C 185 -32.49 -30.75 -17.77
CA ALA C 185 -31.72 -29.96 -16.79
C ALA C 185 -30.83 -28.94 -17.52
N GLU C 186 -29.89 -29.43 -18.34
CA GLU C 186 -28.95 -28.62 -19.15
C GLU C 186 -29.73 -27.65 -20.04
N THR C 187 -30.90 -28.08 -20.54
CA THR C 187 -31.84 -27.27 -21.37
C THR C 187 -32.28 -26.04 -20.56
N HIS C 188 -32.66 -26.24 -19.30
CA HIS C 188 -33.19 -25.19 -18.38
C HIS C 188 -32.06 -24.35 -17.80
N LEU C 189 -30.98 -24.99 -17.37
CA LEU C 189 -29.80 -24.36 -16.70
C LEU C 189 -29.15 -23.32 -17.64
N ARG C 190 -29.10 -23.62 -18.94
CA ARG C 190 -28.48 -22.77 -19.99
C ARG C 190 -29.31 -21.48 -20.17
N LYS C 191 -30.62 -21.56 -19.99
CA LYS C 191 -31.58 -20.43 -20.13
C LYS C 191 -31.24 -19.32 -19.12
N LEU C 192 -30.78 -19.71 -17.93
CA LEU C 192 -30.44 -18.78 -16.81
C LEU C 192 -29.27 -17.88 -17.22
N GLY C 193 -28.17 -18.50 -17.66
CA GLY C 193 -26.92 -17.83 -18.06
C GLY C 193 -25.68 -18.49 -17.47
N LEU C 194 -25.68 -19.83 -17.40
CA LEU C 194 -24.56 -20.65 -16.87
C LEU C 194 -23.58 -20.97 -18.01
N GLY C 195 -24.07 -20.96 -19.26
CA GLY C 195 -23.26 -21.23 -20.47
C GLY C 195 -23.01 -22.71 -20.65
N TYR C 196 -21.74 -23.11 -20.78
CA TYR C 196 -21.28 -24.52 -20.95
C TYR C 196 -21.10 -25.16 -19.57
N ARG C 197 -21.12 -24.37 -18.49
CA ARG C 197 -20.99 -24.82 -17.08
C ARG C 197 -22.21 -25.64 -16.67
N ALA C 198 -23.35 -25.43 -17.33
CA ALA C 198 -24.64 -26.14 -17.10
C ALA C 198 -24.43 -27.66 -17.21
N ARG C 199 -23.56 -28.09 -18.14
CA ARG C 199 -23.23 -29.53 -18.39
C ARG C 199 -22.56 -30.13 -17.15
N TYR C 200 -21.64 -29.41 -16.51
CA TYR C 200 -20.84 -29.87 -15.34
C TYR C 200 -21.76 -30.05 -14.12
N VAL C 201 -22.68 -29.10 -13.90
CA VAL C 201 -23.70 -29.14 -12.81
C VAL C 201 -24.55 -30.40 -12.98
N ARG C 202 -24.98 -30.68 -14.21
CA ARG C 202 -25.81 -31.85 -14.58
C ARG C 202 -25.00 -33.14 -14.40
N ALA C 203 -23.77 -33.18 -14.94
CA ALA C 203 -22.86 -34.35 -14.92
C ALA C 203 -22.50 -34.72 -13.47
N SER C 204 -22.11 -33.72 -12.67
CA SER C 204 -21.69 -33.87 -11.25
C SER C 204 -22.88 -34.33 -10.39
N ALA C 205 -24.10 -33.87 -10.71
CA ALA C 205 -25.36 -34.25 -10.04
C ALA C 205 -25.68 -35.72 -10.33
N LYS C 206 -25.59 -36.11 -11.61
CA LYS C 206 -25.85 -37.51 -12.08
C LYS C 206 -24.79 -38.45 -11.51
N ALA C 207 -23.55 -37.98 -11.36
CA ALA C 207 -22.38 -38.75 -10.86
C ALA C 207 -22.58 -39.08 -9.38
N ILE C 208 -22.70 -38.05 -8.53
CA ILE C 208 -22.82 -38.17 -7.04
C ILE C 208 -24.09 -38.96 -6.68
N LEU C 209 -25.15 -38.82 -7.49
CA LEU C 209 -26.46 -39.49 -7.26
C LEU C 209 -26.39 -40.97 -7.68
N GLU C 210 -25.71 -41.28 -8.79
CA GLU C 210 -25.66 -42.62 -9.41
C GLU C 210 -24.25 -43.22 -9.28
N GLU C 211 -23.28 -42.64 -9.99
CA GLU C 211 -21.88 -43.15 -10.10
C GLU C 211 -21.26 -43.29 -8.71
N GLN C 212 -20.90 -42.16 -8.06
CA GLN C 212 -20.40 -42.11 -6.67
C GLN C 212 -21.47 -42.68 -5.73
N GLY C 213 -22.74 -42.35 -6.00
CA GLY C 213 -23.91 -43.00 -5.40
C GLY C 213 -24.13 -42.59 -3.95
N GLY C 214 -25.01 -41.61 -3.73
CA GLY C 214 -25.42 -41.13 -2.39
C GLY C 214 -24.85 -39.76 -2.07
N PRO C 215 -25.68 -38.79 -1.62
CA PRO C 215 -25.17 -37.51 -1.11
C PRO C 215 -24.41 -37.66 0.22
N ALA C 216 -24.49 -38.84 0.85
CA ALA C 216 -23.71 -39.23 2.05
C ALA C 216 -22.24 -39.45 1.68
N TRP C 217 -21.91 -39.56 0.39
CA TRP C 217 -20.53 -39.63 -0.14
C TRP C 217 -19.77 -38.35 0.25
N LEU C 218 -20.41 -37.19 0.11
CA LEU C 218 -19.84 -35.86 0.47
C LEU C 218 -19.62 -35.81 1.99
N GLN C 219 -20.55 -36.38 2.77
CA GLN C 219 -20.46 -36.47 4.25
C GLN C 219 -19.28 -37.38 4.64
N GLN C 220 -18.99 -38.40 3.83
CA GLN C 220 -17.84 -39.32 4.01
C GLN C 220 -16.52 -38.56 3.85
N LEU C 221 -16.47 -37.60 2.91
CA LEU C 221 -15.27 -36.77 2.61
C LEU C 221 -15.00 -35.81 3.79
N ARG C 222 -16.03 -35.47 4.57
CA ARG C 222 -15.94 -34.60 5.78
C ARG C 222 -15.02 -35.27 6.82
N VAL C 223 -15.15 -36.58 6.99
CA VAL C 223 -14.36 -37.40 7.97
C VAL C 223 -13.01 -37.79 7.34
N ALA C 224 -12.97 -37.94 6.01
CA ALA C 224 -11.76 -38.30 5.22
C ALA C 224 -10.69 -37.23 5.39
N PRO C 225 -9.39 -37.56 5.16
CA PRO C 225 -8.32 -36.57 5.24
C PRO C 225 -8.30 -35.61 4.04
N TYR C 226 -7.67 -34.44 4.21
CA TYR C 226 -7.63 -33.31 3.24
C TYR C 226 -7.22 -33.80 1.85
N GLU C 227 -6.07 -34.49 1.76
CA GLU C 227 -5.46 -34.99 0.50
C GLU C 227 -6.45 -35.88 -0.25
N GLU C 228 -7.18 -36.73 0.47
CA GLU C 228 -8.16 -37.70 -0.09
C GLU C 228 -9.36 -36.93 -0.69
N ALA C 229 -9.91 -35.99 0.08
CA ALA C 229 -11.11 -35.19 -0.27
C ALA C 229 -10.86 -34.36 -1.53
N HIS C 230 -9.73 -33.67 -1.59
CA HIS C 230 -9.34 -32.75 -2.70
C HIS C 230 -9.29 -33.53 -4.02
N LYS C 231 -8.60 -34.67 -4.01
CA LYS C 231 -8.43 -35.57 -5.19
C LYS C 231 -9.79 -36.15 -5.60
N ALA C 232 -10.62 -36.51 -4.62
CA ALA C 232 -11.98 -37.08 -4.80
C ALA C 232 -12.91 -36.06 -5.48
N LEU C 233 -12.80 -34.78 -5.11
CA LEU C 233 -13.58 -33.66 -5.70
C LEU C 233 -13.12 -33.40 -7.14
N CYS C 234 -11.79 -33.37 -7.36
CA CYS C 234 -11.14 -33.12 -8.67
C CYS C 234 -11.58 -34.17 -9.71
N THR C 235 -11.99 -35.35 -9.25
CA THR C 235 -12.50 -36.48 -10.07
C THR C 235 -13.77 -36.04 -10.82
N LEU C 236 -14.64 -35.26 -10.18
CA LEU C 236 -15.96 -34.82 -10.72
C LEU C 236 -15.74 -33.87 -11.89
N PRO C 237 -16.62 -33.90 -12.93
CA PRO C 237 -16.54 -32.94 -14.03
C PRO C 237 -16.76 -31.48 -13.59
N GLY C 238 -15.97 -30.55 -14.13
CA GLY C 238 -16.08 -29.10 -13.89
C GLY C 238 -15.28 -28.65 -12.67
N VAL C 239 -14.97 -29.56 -11.75
CA VAL C 239 -14.29 -29.28 -10.45
C VAL C 239 -12.78 -29.17 -10.71
N GLY C 240 -12.22 -27.96 -10.59
CA GLY C 240 -10.78 -27.68 -10.68
C GLY C 240 -10.11 -27.76 -9.30
N ALA C 241 -8.85 -27.34 -9.22
CA ALA C 241 -8.03 -27.36 -7.98
C ALA C 241 -8.52 -26.28 -7.00
N LYS C 242 -8.94 -25.12 -7.53
CA LYS C 242 -9.36 -23.94 -6.74
C LYS C 242 -10.72 -24.22 -6.07
N VAL C 243 -11.68 -24.76 -6.85
CA VAL C 243 -13.07 -25.05 -6.39
C VAL C 243 -13.03 -26.16 -5.33
N ALA C 244 -12.21 -27.19 -5.54
CA ALA C 244 -12.04 -28.35 -4.63
C ALA C 244 -11.48 -27.89 -3.28
N ASP C 245 -10.60 -26.89 -3.30
CA ASP C 245 -10.01 -26.25 -2.08
C ASP C 245 -11.10 -25.47 -1.34
N CYS C 246 -11.92 -24.71 -2.08
CA CYS C 246 -13.07 -23.93 -1.54
C CYS C 246 -14.04 -24.86 -0.81
N ILE C 247 -14.46 -25.94 -1.47
CA ILE C 247 -15.45 -26.93 -0.94
C ILE C 247 -14.85 -27.62 0.30
N CYS C 248 -13.60 -28.09 0.20
CA CYS C 248 -12.84 -28.71 1.32
C CYS C 248 -12.83 -27.77 2.53
N LEU C 249 -12.54 -26.49 2.29
CA LEU C 249 -12.37 -25.44 3.34
C LEU C 249 -13.73 -25.07 3.93
N MET C 250 -14.74 -24.87 3.08
CA MET C 250 -16.02 -24.21 3.44
C MET C 250 -17.09 -25.24 3.84
N ALA C 251 -17.00 -26.49 3.35
CA ALA C 251 -18.01 -27.55 3.55
C ALA C 251 -17.44 -28.74 4.32
N LEU C 252 -16.30 -29.30 3.88
CA LEU C 252 -15.81 -30.64 4.30
C LEU C 252 -14.80 -30.52 5.45
N ASP C 253 -14.83 -29.42 6.22
CA ASP C 253 -14.07 -29.25 7.49
C ASP C 253 -12.56 -29.47 7.24
N LYS C 254 -11.96 -28.65 6.37
CA LYS C 254 -10.50 -28.68 6.06
C LYS C 254 -9.94 -27.28 6.22
N PRO C 255 -9.71 -26.81 7.48
CA PRO C 255 -9.09 -25.49 7.71
C PRO C 255 -7.73 -25.30 7.02
N GLN C 256 -7.02 -26.40 6.71
CA GLN C 256 -5.70 -26.40 6.05
C GLN C 256 -5.83 -26.02 4.56
N ALA C 257 -6.98 -26.29 3.94
CA ALA C 257 -7.25 -26.02 2.50
C ALA C 257 -7.10 -24.52 2.22
N VAL C 258 -6.38 -24.16 1.16
CA VAL C 258 -6.09 -22.76 0.74
C VAL C 258 -6.38 -22.64 -0.76
N PRO C 259 -7.60 -22.18 -1.15
CA PRO C 259 -7.90 -21.89 -2.56
C PRO C 259 -6.90 -20.89 -3.15
N VAL C 260 -6.30 -21.22 -4.30
CA VAL C 260 -5.25 -20.40 -4.97
C VAL C 260 -5.74 -19.99 -6.36
N ASP C 261 -5.99 -18.69 -6.55
CA ASP C 261 -6.36 -18.05 -7.84
C ASP C 261 -5.36 -16.92 -8.12
N VAL C 262 -5.73 -15.92 -8.93
CA VAL C 262 -4.85 -14.79 -9.34
C VAL C 262 -4.78 -13.75 -8.20
N HIS C 263 -5.83 -13.66 -7.38
CA HIS C 263 -5.96 -12.66 -6.28
C HIS C 263 -5.01 -12.98 -5.12
N VAL C 264 -4.82 -14.28 -4.80
CA VAL C 264 -3.92 -14.74 -3.71
C VAL C 264 -2.46 -14.52 -4.15
N TRP C 265 -2.16 -14.75 -5.45
CA TRP C 265 -0.83 -14.50 -6.07
C TRP C 265 -0.43 -13.04 -5.85
N GLN C 266 -1.37 -12.10 -6.00
CA GLN C 266 -1.16 -10.65 -5.84
C GLN C 266 -0.79 -10.35 -4.39
N ILE C 267 -1.55 -10.90 -3.42
CA ILE C 267 -1.31 -10.73 -1.96
C ILE C 267 0.01 -11.42 -1.59
N ALA C 268 0.21 -12.66 -2.04
CA ALA C 268 1.41 -13.48 -1.79
C ALA C 268 2.65 -12.70 -2.21
N HIS C 269 2.65 -12.15 -3.43
CA HIS C 269 3.81 -11.46 -4.06
C HIS C 269 4.00 -10.07 -3.44
N ARG C 270 2.93 -9.29 -3.32
CA ARG C 270 3.01 -7.87 -2.86
C ARG C 270 3.34 -7.80 -1.37
N ASP C 271 2.65 -8.59 -0.54
CA ASP C 271 2.63 -8.44 0.93
C ASP C 271 3.57 -9.44 1.63
N TYR C 272 3.92 -10.55 0.97
CA TYR C 272 4.81 -11.61 1.52
C TYR C 272 6.08 -11.78 0.67
N GLY C 273 6.19 -11.07 -0.46
CA GLY C 273 7.36 -11.12 -1.37
C GLY C 273 7.62 -12.52 -1.89
N TRP C 274 6.57 -13.30 -2.14
CA TRP C 274 6.66 -14.72 -2.60
C TRP C 274 6.80 -14.78 -4.13
N HIS C 275 7.68 -15.65 -4.62
CA HIS C 275 7.83 -16.01 -6.06
C HIS C 275 7.82 -17.54 -6.18
N PRO C 276 7.36 -18.10 -7.32
CA PRO C 276 7.36 -19.55 -7.50
C PRO C 276 8.79 -20.10 -7.61
N LYS C 277 9.18 -20.96 -6.66
CA LYS C 277 10.49 -21.67 -6.65
C LYS C 277 10.52 -22.71 -7.79
N THR C 278 9.36 -22.96 -8.42
CA THR C 278 9.22 -23.76 -9.68
C THR C 278 10.26 -23.31 -10.71
N SER C 279 10.42 -21.99 -10.85
CA SER C 279 11.39 -21.33 -11.78
C SER C 279 11.16 -21.83 -13.22
N GLN C 280 9.90 -22.06 -13.59
CA GLN C 280 9.48 -22.61 -14.91
C GLN C 280 8.00 -22.28 -15.17
N GLY C 283 4.61 -16.70 -13.06
CA GLY C 283 3.17 -16.64 -13.39
C GLY C 283 2.41 -17.86 -12.86
N PRO C 284 1.08 -17.79 -12.68
CA PRO C 284 0.28 -18.92 -12.21
C PRO C 284 0.45 -20.19 -13.04
N SER C 285 0.53 -21.35 -12.36
CA SER C 285 0.65 -22.71 -12.97
C SER C 285 0.17 -23.76 -11.98
N PRO C 286 -0.32 -24.94 -12.44
CA PRO C 286 -0.78 -25.99 -11.54
C PRO C 286 0.22 -26.32 -10.42
N LEU C 287 1.50 -26.53 -10.78
CA LEU C 287 2.59 -26.90 -9.84
C LEU C 287 2.89 -25.73 -8.89
N ALA C 288 2.90 -24.50 -9.41
CA ALA C 288 3.18 -23.25 -8.65
C ALA C 288 2.02 -22.94 -7.70
N ASN C 289 0.78 -23.14 -8.16
CA ASN C 289 -0.46 -22.91 -7.37
C ASN C 289 -0.49 -23.85 -6.17
N LYS C 290 -0.01 -25.08 -6.33
CA LYS C 290 0.08 -26.10 -5.24
C LYS C 290 1.19 -25.69 -4.25
N GLU C 291 2.29 -25.13 -4.76
CA GLU C 291 3.44 -24.65 -3.95
C GLU C 291 2.99 -23.47 -3.08
N LEU C 292 2.20 -22.55 -3.65
CA LEU C 292 1.69 -21.34 -2.96
C LEU C 292 0.76 -21.76 -1.81
N GLY C 293 -0.03 -22.82 -2.01
CA GLY C 293 -0.88 -23.43 -0.97
C GLY C 293 -0.06 -23.93 0.21
N ASN C 294 0.99 -24.72 -0.08
CA ASN C 294 1.90 -25.32 0.94
C ASN C 294 2.59 -24.22 1.73
N PHE C 295 3.03 -23.15 1.04
CA PHE C 295 3.71 -21.97 1.64
C PHE C 295 2.87 -21.39 2.78
N PHE C 296 1.60 -21.08 2.50
CA PHE C 296 0.65 -20.44 3.46
C PHE C 296 0.30 -21.42 4.59
N ARG C 297 0.08 -22.69 4.26
CA ARG C 297 -0.18 -23.78 5.25
C ARG C 297 0.99 -23.86 6.25
N ASN C 298 2.22 -23.69 5.75
CA ASN C 298 3.47 -23.78 6.54
C ASN C 298 3.65 -22.52 7.42
N LEU C 299 3.13 -21.38 6.95
CA LEU C 299 3.25 -20.06 7.64
C LEU C 299 2.23 -19.96 8.78
N TRP C 300 0.94 -20.25 8.49
CA TRP C 300 -0.20 -20.02 9.41
C TRP C 300 -0.46 -21.25 10.29
N GLY C 301 -0.37 -22.45 9.70
CA GLY C 301 -0.49 -23.73 10.43
C GLY C 301 -1.71 -24.53 9.94
N PRO C 302 -2.44 -25.22 10.86
CA PRO C 302 -3.53 -26.10 10.45
C PRO C 302 -4.77 -25.33 9.97
N TYR C 303 -5.04 -24.16 10.55
CA TYR C 303 -6.11 -23.21 10.12
C TYR C 303 -5.49 -22.21 9.14
N ALA C 304 -5.24 -22.64 7.90
CA ALA C 304 -4.56 -21.86 6.85
C ALA C 304 -5.59 -21.06 6.03
N GLY C 305 -6.63 -21.74 5.52
CA GLY C 305 -7.72 -21.13 4.74
C GLY C 305 -8.51 -20.10 5.54
N TRP C 306 -8.63 -20.32 6.86
CA TRP C 306 -9.30 -19.39 7.80
C TRP C 306 -8.55 -18.05 7.82
N ALA C 307 -7.22 -18.10 7.85
CA ALA C 307 -6.31 -16.93 7.84
C ALA C 307 -6.42 -16.20 6.49
N GLN C 308 -6.48 -16.95 5.39
CA GLN C 308 -6.63 -16.43 4.00
C GLN C 308 -7.88 -15.55 3.91
N ALA C 309 -9.00 -16.03 4.46
CA ALA C 309 -10.33 -15.36 4.45
C ALA C 309 -10.26 -14.01 5.18
N VAL C 310 -9.40 -13.88 6.20
CA VAL C 310 -9.19 -12.64 6.97
C VAL C 310 -8.51 -11.60 6.07
N LEU C 311 -7.52 -12.03 5.29
CA LEU C 311 -6.71 -11.15 4.38
C LEU C 311 -7.56 -10.71 3.18
N PHE C 312 -8.44 -11.58 2.68
CA PHE C 312 -9.41 -11.27 1.60
C PHE C 312 -10.32 -10.12 2.05
N SER C 313 -10.85 -10.21 3.28
CA SER C 313 -11.76 -9.21 3.89
C SER C 313 -11.07 -7.85 4.01
N ALA C 314 -9.75 -7.84 4.21
CA ALA C 314 -8.92 -6.62 4.41
C ALA C 314 -8.52 -6.00 3.06
N ASP C 315 -8.47 -6.81 1.99
CA ASP C 315 -8.14 -6.35 0.61
C ASP C 315 -9.37 -5.66 0.00
N LEU C 316 -10.56 -6.25 0.17
CA LEU C 316 -11.85 -5.70 -0.35
C LEU C 316 -12.13 -4.34 0.31
N ARG C 317 -11.79 -4.19 1.60
CA ARG C 317 -11.95 -2.94 2.39
C ARG C 317 -10.62 -2.58 3.06
#